data_7ZEH
#
_entry.id   7ZEH
#
_cell.length_a   60.590
_cell.length_b   80.890
_cell.length_c   83.170
_cell.angle_alpha   82.219
_cell.angle_beta   72.462
_cell.angle_gamma   68.202
#
_symmetry.space_group_name_H-M   'P 1'
#
loop_
_entity.id
_entity.type
_entity.pdbx_description
1 polymer "7-methylguanosine phosphate-specific 5'-nucleotidase"
2 non-polymer 'N7-(3,4-difluorobenzyl) guanine'
3 non-polymer D-ribulose
4 non-polymer 1,2-ETHANEDIOL
5 non-polymer 'MAGNESIUM ION'
6 non-polymer 'PHOSPHATE ION'
7 non-polymer 'SULFATE ION'
8 water water
#
_entity_poly.entity_id   1
_entity_poly.type   'polypeptide(L)'
_entity_poly.pdbx_seq_one_letter_code
;RSMAEEVSTLMKATVLMRQPGRVQEIVGALRKGGGDRLQVISDFDMTLSRFAYNGKRCPSSYNILDNSKIISEECRKELT
ALLHHYYPIEIDPHRTVKEKLPHMVEWWTKAHNLLCQQKIQKFQIAQVVRESNAMLREGYKTFFNTLYHNNIPLFIFSAG
IGDILEEIIRQMKVFHPNIHIVSNYMDFNEDGFLQGFKGQLIHTYNKNSSACENSGYFQQLEGKTNVILLGDSIGDLTMA
DGVPGVQNILKIGFLNDKVEERRERYMDSYDIVLEKDETLDVVNGLLQHILCQGVQLEMQGP
;
_entity_poly.pdbx_strand_id   A,B,C,D
#
# COMPACT_ATOMS: atom_id res chain seq x y z
N SER A 8 4.67 14.28 48.90
CA SER A 8 3.27 13.89 48.92
C SER A 8 2.98 12.94 47.75
N THR A 9 3.61 13.23 46.61
CA THR A 9 3.44 12.35 45.45
C THR A 9 3.78 10.93 45.84
N LEU A 10 4.86 10.80 46.58
CA LEU A 10 5.36 9.49 46.93
C LEU A 10 4.55 8.83 48.03
N MET A 11 3.52 9.50 48.53
CA MET A 11 2.75 8.87 49.58
C MET A 11 1.62 8.01 49.04
N LYS A 12 1.56 7.83 47.72
CA LYS A 12 0.54 6.96 47.16
C LYS A 12 0.76 5.52 47.65
N ALA A 13 -0.35 4.78 47.78
CA ALA A 13 -0.35 3.46 48.41
C ALA A 13 0.46 2.43 47.65
N THR A 14 0.65 2.63 46.35
CA THR A 14 1.38 1.69 45.53
C THR A 14 2.90 1.86 45.60
N VAL A 15 3.39 2.89 46.28
CA VAL A 15 4.81 3.28 46.24
C VAL A 15 5.61 2.47 47.26
N LEU A 16 6.70 1.88 46.78
CA LEU A 16 7.69 1.20 47.62
C LEU A 16 9.05 1.84 47.39
N MET A 17 9.78 2.11 48.47
CA MET A 17 11.14 2.59 48.33
C MET A 17 12.02 1.90 49.36
N ARG A 18 13.10 1.26 48.90
CA ARG A 18 14.01 0.65 49.87
C ARG A 18 14.75 1.72 50.67
N GLN A 19 15.16 2.83 50.01
CA GLN A 19 15.94 3.89 50.64
C GLN A 19 15.28 5.22 50.36
N PRO A 20 14.19 5.52 51.06
CA PRO A 20 13.46 6.77 50.77
C PRO A 20 14.29 8.04 50.90
N GLY A 21 15.24 8.07 51.85
CA GLY A 21 16.12 9.22 51.97
C GLY A 21 16.97 9.43 50.73
N ARG A 22 17.49 8.33 50.17
CA ARG A 22 18.22 8.40 48.91
C ARG A 22 17.31 8.87 47.78
N VAL A 23 16.07 8.36 47.72
CA VAL A 23 15.15 8.86 46.71
C VAL A 23 14.98 10.35 46.87
N GLN A 24 14.87 10.81 48.13
CA GLN A 24 14.69 12.25 48.36
C GLN A 24 15.89 13.05 47.83
N GLU A 25 17.10 12.54 48.04
CA GLU A 25 18.29 13.23 47.54
C GLU A 25 18.32 13.24 46.01
N ILE A 26 17.95 12.12 45.37
CA ILE A 26 17.97 12.09 43.92
C ILE A 26 16.94 13.06 43.35
N VAL A 27 15.72 13.02 43.88
CA VAL A 27 14.68 13.95 43.39
C VAL A 27 15.14 15.39 43.58
N GLY A 28 15.78 15.67 44.72
CA GLY A 28 16.28 17.02 44.95
C GLY A 28 17.31 17.46 43.92
N ALA A 29 18.23 16.55 43.55
CA ALA A 29 19.20 16.88 42.52
C ALA A 29 18.53 17.09 41.16
N LEU A 30 17.52 16.27 40.87
CA LEU A 30 16.78 16.44 39.63
C LEU A 30 16.10 17.79 39.59
N ARG A 31 15.49 18.19 40.71
CA ARG A 31 14.83 19.49 40.74
C ARG A 31 15.84 20.61 40.56
N LYS A 32 17.00 20.50 41.22
CA LYS A 32 18.01 21.54 41.12
C LYS A 32 18.50 21.67 39.69
N GLY A 33 18.57 20.56 38.94
CA GLY A 33 19.01 20.61 37.56
C GLY A 33 17.96 21.11 36.59
N GLY A 34 16.69 20.94 36.93
CA GLY A 34 15.64 21.52 36.10
C GLY A 34 15.44 20.75 34.81
N GLY A 35 14.44 21.19 34.05
CA GLY A 35 14.17 20.49 32.81
C GLY A 35 15.32 20.57 31.83
N ASP A 36 16.16 21.61 31.94
CA ASP A 36 17.23 21.75 30.96
C ASP A 36 18.14 20.54 31.00
N ARG A 37 18.29 19.92 32.15
CA ARG A 37 19.25 18.83 32.30
C ARG A 37 18.61 17.46 32.23
N LEU A 38 17.28 17.41 32.07
CA LEU A 38 16.51 16.19 32.24
C LEU A 38 16.20 15.52 30.92
N GLN A 39 16.31 14.18 30.90
CA GLN A 39 15.76 13.33 29.85
C GLN A 39 15.07 12.15 30.51
N VAL A 40 14.11 11.57 29.80
CA VAL A 40 13.38 10.42 30.30
C VAL A 40 13.62 9.23 29.39
N ILE A 41 13.97 8.09 29.99
CA ILE A 41 14.25 6.88 29.23
C ILE A 41 13.27 5.82 29.70
N SER A 42 12.44 5.31 28.81
CA SER A 42 11.34 4.46 29.24
C SER A 42 11.20 3.23 28.35
N ASP A 43 10.89 2.10 28.97
CA ASP A 43 10.40 0.93 28.25
C ASP A 43 8.97 1.22 27.78
N PHE A 44 8.50 0.49 26.78
CA PHE A 44 7.11 0.63 26.33
C PHE A 44 6.15 -0.38 26.97
N ASP A 45 6.21 -1.65 26.57
CA ASP A 45 5.19 -2.61 26.94
C ASP A 45 5.14 -2.82 28.46
N MET A 46 3.95 -2.61 29.00
CA MET A 46 3.65 -2.81 30.41
C MET A 46 4.35 -1.80 31.31
N THR A 47 4.98 -0.79 30.71
CA THR A 47 5.46 0.37 31.43
C THR A 47 4.60 1.57 31.02
N LEU A 48 4.76 2.05 29.80
CA LEU A 48 3.84 3.09 29.30
C LEU A 48 2.51 2.51 28.88
N SER A 49 2.51 1.30 28.36
CA SER A 49 1.24 0.60 28.11
C SER A 49 0.73 -0.05 29.39
N ARG A 50 -0.59 -0.19 29.46
CA ARG A 50 -1.23 -0.66 30.69
C ARG A 50 -1.09 -2.18 30.81
N PHE A 51 -0.95 -2.67 32.05
CA PHE A 51 -0.79 -4.10 32.22
C PHE A 51 -2.12 -4.84 32.21
N ALA A 52 -3.11 -4.34 32.96
CA ALA A 52 -4.38 -5.05 32.99
C ALA A 52 -5.48 -4.03 33.17
N TYR A 53 -6.65 -4.36 32.64
CA TYR A 53 -7.80 -3.48 32.66
C TYR A 53 -9.04 -4.36 32.67
N ASN A 54 -10.00 -3.98 33.51
CA ASN A 54 -11.30 -4.66 33.57
C ASN A 54 -11.13 -6.17 33.76
N GLY A 55 -10.17 -6.55 34.60
CA GLY A 55 -10.00 -7.96 34.90
C GLY A 55 -9.33 -8.76 33.82
N LYS A 56 -8.72 -8.12 32.83
CA LYS A 56 -8.05 -8.84 31.77
C LYS A 56 -6.69 -8.21 31.48
N ARG A 57 -5.76 -9.02 31.04
CA ARG A 57 -4.46 -8.52 30.65
C ARG A 57 -4.56 -7.72 29.36
N CYS A 58 -3.82 -6.64 29.29
CA CYS A 58 -3.81 -5.87 28.05
C CYS A 58 -2.75 -6.43 27.13
N PRO A 59 -2.94 -6.33 25.82
CA PRO A 59 -1.99 -6.94 24.89
C PRO A 59 -0.67 -6.20 24.86
N SER A 60 0.41 -6.95 24.67
CA SER A 60 1.67 -6.38 24.28
C SER A 60 1.65 -5.94 22.81
N SER A 61 2.59 -5.07 22.48
CA SER A 61 2.82 -4.72 21.09
C SER A 61 2.93 -5.96 20.18
N TYR A 62 3.64 -7.00 20.64
CA TYR A 62 3.76 -8.23 19.85
C TYR A 62 2.39 -8.83 19.57
N ASN A 63 1.56 -8.93 20.63
CA ASN A 63 0.22 -9.47 20.55
C ASN A 63 -0.63 -8.66 19.58
N ILE A 64 -0.48 -7.34 19.62
CA ILE A 64 -1.35 -6.48 18.79
C ILE A 64 -1.18 -6.84 17.32
N LEU A 65 0.06 -7.03 16.90
CA LEU A 65 0.26 -7.41 15.51
C LEU A 65 -0.03 -8.90 15.29
N ASP A 66 0.49 -9.76 16.16
CA ASP A 66 0.41 -11.19 15.87
C ASP A 66 -1.01 -11.72 15.91
N ASN A 67 -1.87 -11.13 16.72
CA ASN A 67 -3.25 -11.57 16.83
C ASN A 67 -4.20 -10.85 15.86
N SER A 68 -3.66 -10.00 14.99
CA SER A 68 -4.45 -9.19 14.07
C SER A 68 -4.87 -9.97 12.82
N LYS A 69 -5.71 -9.33 12.00
CA LYS A 69 -6.20 -9.93 10.78
C LYS A 69 -5.13 -10.05 9.69
N ILE A 70 -4.00 -9.36 9.82
CA ILE A 70 -2.98 -9.38 8.76
C ILE A 70 -1.93 -10.45 8.92
N ILE A 71 -2.01 -11.27 9.99
CA ILE A 71 -1.14 -12.42 10.21
C ILE A 71 -1.96 -13.69 10.03
N SER A 72 -1.47 -14.61 9.20
CA SER A 72 -2.21 -15.85 8.98
C SER A 72 -2.15 -16.72 10.23
N GLU A 73 -3.09 -17.67 10.32
CA GLU A 73 -3.06 -18.58 11.45
C GLU A 73 -1.78 -19.42 11.44
N GLU A 74 -1.34 -19.84 10.25
CA GLU A 74 -0.10 -20.61 10.15
C GLU A 74 1.10 -19.79 10.63
N CYS A 75 1.15 -18.52 10.28
CA CYS A 75 2.26 -17.68 10.76
C CYS A 75 2.17 -17.48 12.25
N ARG A 76 0.95 -17.31 12.77
CA ARG A 76 0.78 -17.19 14.21
C ARG A 76 1.29 -18.43 14.91
N LYS A 77 1.01 -19.61 14.36
CA LYS A 77 1.49 -20.85 14.97
C LYS A 77 3.01 -20.92 14.94
N GLU A 78 3.62 -20.49 13.83
CA GLU A 78 5.08 -20.51 13.75
C GLU A 78 5.71 -19.49 14.70
N LEU A 79 5.11 -18.31 14.84
CA LEU A 79 5.64 -17.38 15.84
C LEU A 79 5.50 -17.93 17.24
N THR A 80 4.38 -18.58 17.52
CA THR A 80 4.19 -19.16 18.85
C THR A 80 5.18 -20.30 19.10
N ALA A 81 5.49 -21.08 18.06
CA ALA A 81 6.49 -22.14 18.19
C ALA A 81 7.88 -21.56 18.48
N LEU A 82 8.24 -20.46 17.83
CA LEU A 82 9.51 -19.80 18.16
C LEU A 82 9.52 -19.38 19.62
N LEU A 83 8.42 -18.79 20.09
CA LEU A 83 8.34 -18.38 21.48
C LEU A 83 8.50 -19.58 22.40
N HIS A 84 7.84 -20.70 22.08
CA HIS A 84 7.93 -21.87 22.93
C HIS A 84 9.38 -22.33 23.08
N HIS A 85 10.17 -22.22 22.02
CA HIS A 85 11.56 -22.65 22.11
C HIS A 85 12.43 -21.65 22.86
N TYR A 86 12.27 -20.36 22.53
CA TYR A 86 13.24 -19.37 22.98
C TYR A 86 12.87 -18.72 24.32
N TYR A 87 11.60 -18.68 24.69
CA TYR A 87 11.25 -18.05 25.96
C TYR A 87 11.96 -18.66 27.15
N PRO A 88 12.07 -19.98 27.27
CA PRO A 88 12.80 -20.54 28.42
C PRO A 88 14.25 -20.11 28.46
N ILE A 89 14.88 -19.93 27.29
CA ILE A 89 16.24 -19.42 27.22
C ILE A 89 16.27 -17.97 27.67
N GLU A 90 15.32 -17.16 27.15
CA GLU A 90 15.27 -15.74 27.47
C GLU A 90 15.24 -15.48 28.97
N ILE A 91 14.43 -16.24 29.71
CA ILE A 91 14.20 -15.94 31.10
C ILE A 91 15.10 -16.74 32.05
N ASP A 92 15.92 -17.63 31.53
CA ASP A 92 16.78 -18.50 32.37
C ASP A 92 17.79 -17.66 33.13
N PRO A 93 17.73 -17.60 34.46
CA PRO A 93 18.69 -16.78 35.18
C PRO A 93 20.09 -17.36 35.16
N HIS A 94 20.22 -18.64 34.85
CA HIS A 94 21.51 -19.34 34.84
C HIS A 94 22.18 -19.24 33.48
N ARG A 95 21.61 -18.49 32.55
CA ARG A 95 22.32 -18.12 31.35
C ARG A 95 22.68 -16.65 31.51
N THR A 96 23.95 -16.34 31.27
CA THR A 96 24.32 -14.95 31.43
C THR A 96 23.75 -14.15 30.26
N VAL A 97 23.69 -12.82 30.42
CA VAL A 97 23.19 -12.01 29.31
C VAL A 97 24.02 -12.25 28.06
N LYS A 98 25.34 -12.34 28.22
CA LYS A 98 26.22 -12.61 27.08
C LYS A 98 25.92 -13.96 26.43
N GLU A 99 25.59 -14.98 27.23
CA GLU A 99 25.23 -16.28 26.66
C GLU A 99 23.85 -16.24 25.97
N LYS A 100 22.96 -15.37 26.43
CA LYS A 100 21.65 -15.30 25.81
C LYS A 100 21.70 -14.57 24.47
N LEU A 101 22.65 -13.66 24.27
CA LEU A 101 22.65 -12.78 23.11
C LEU A 101 22.47 -13.49 21.79
N PRO A 102 23.27 -14.49 21.43
CA PRO A 102 23.07 -15.10 20.10
C PRO A 102 21.73 -15.78 19.96
N HIS A 103 21.16 -16.29 21.06
CA HIS A 103 19.86 -16.91 20.94
C HIS A 103 18.80 -15.84 20.69
N MET A 104 18.94 -14.71 21.36
CA MET A 104 17.96 -13.62 21.14
C MET A 104 18.07 -13.06 19.73
N VAL A 105 19.29 -12.89 19.23
CA VAL A 105 19.44 -12.43 17.86
C VAL A 105 18.77 -13.42 16.91
N GLU A 106 18.98 -14.71 17.15
CA GLU A 106 18.37 -15.71 16.29
C GLU A 106 16.85 -15.64 16.35
N TRP A 107 16.30 -15.56 17.55
CA TRP A 107 14.85 -15.54 17.69
C TRP A 107 14.25 -14.33 16.97
N TRP A 108 14.76 -13.14 17.25
CA TRP A 108 14.21 -11.95 16.63
C TRP A 108 14.40 -11.98 15.11
N THR A 109 15.56 -12.44 14.64
CA THR A 109 15.78 -12.48 13.21
C THR A 109 14.77 -13.42 12.55
N LYS A 110 14.53 -14.57 13.17
CA LYS A 110 13.57 -15.53 12.62
C LYS A 110 12.16 -14.96 12.63
N ALA A 111 11.75 -14.34 13.74
CA ALA A 111 10.42 -13.76 13.82
C ALA A 111 10.25 -12.63 12.82
N HIS A 112 11.21 -11.73 12.74
CA HIS A 112 11.12 -10.64 11.78
C HIS A 112 11.00 -11.19 10.36
N ASN A 113 11.77 -12.23 10.04
CA ASN A 113 11.69 -12.75 8.69
C ASN A 113 10.33 -13.36 8.41
N LEU A 114 9.75 -14.04 9.41
CA LEU A 114 8.42 -14.59 9.19
C LEU A 114 7.42 -13.48 8.87
N LEU A 115 7.52 -12.36 9.58
CA LEU A 115 6.63 -11.24 9.31
C LEU A 115 6.82 -10.73 7.89
N CYS A 116 8.07 -10.67 7.41
CA CYS A 116 8.39 -10.23 6.05
C CYS A 116 7.90 -11.19 4.96
N GLN A 117 7.63 -12.43 5.32
CA GLN A 117 7.11 -13.41 4.37
C GLN A 117 5.58 -13.43 4.36
N GLN A 118 4.93 -12.50 5.05
CA GLN A 118 3.49 -12.39 4.97
C GLN A 118 3.15 -11.43 3.83
N LYS A 119 2.00 -10.79 3.87
CA LYS A 119 1.69 -9.83 2.82
C LYS A 119 1.29 -8.52 3.46
N ILE A 120 2.10 -8.07 4.41
CA ILE A 120 1.71 -6.94 5.26
C ILE A 120 1.92 -5.63 4.51
N GLN A 121 0.89 -4.79 4.50
CA GLN A 121 0.99 -3.47 3.89
C GLN A 121 1.00 -2.36 4.95
N LYS A 122 1.72 -1.28 4.64
CA LYS A 122 1.88 -0.18 5.58
C LYS A 122 0.53 0.31 6.11
N PHE A 123 -0.44 0.52 5.21
CA PHE A 123 -1.71 1.09 5.65
C PHE A 123 -2.42 0.18 6.64
N GLN A 124 -2.05 -1.10 6.68
CA GLN A 124 -2.72 -2.00 7.57
C GLN A 124 -2.28 -1.81 9.01
N ILE A 125 -1.12 -1.18 9.26
CA ILE A 125 -0.63 -1.07 10.63
C ILE A 125 -1.57 -0.21 11.45
N ALA A 126 -1.94 0.94 10.91
CA ALA A 126 -2.91 1.78 11.59
C ALA A 126 -4.20 1.02 11.83
N GLN A 127 -4.61 0.21 10.87
CA GLN A 127 -5.86 -0.54 11.00
C GLN A 127 -5.78 -1.53 12.15
N VAL A 128 -4.69 -2.31 12.19
CA VAL A 128 -4.55 -3.31 13.25
C VAL A 128 -4.52 -2.66 14.62
N VAL A 129 -3.88 -1.51 14.76
CA VAL A 129 -3.85 -0.85 16.06
C VAL A 129 -5.24 -0.33 16.40
N ARG A 130 -5.92 0.26 15.41
CA ARG A 130 -7.26 0.79 15.65
C ARG A 130 -8.23 -0.29 16.08
N GLU A 131 -8.07 -1.49 15.55
CA GLU A 131 -8.95 -2.58 15.91
C GLU A 131 -8.49 -3.33 17.14
N SER A 132 -7.34 -2.95 17.70
CA SER A 132 -6.77 -3.69 18.80
C SER A 132 -7.36 -3.21 20.12
N ASN A 133 -6.97 -3.91 21.18
CA ASN A 133 -7.27 -3.53 22.55
C ASN A 133 -6.11 -2.79 23.18
N ALA A 134 -5.28 -2.09 22.38
CA ALA A 134 -4.14 -1.37 22.93
C ALA A 134 -4.62 -0.37 23.97
N MET A 135 -3.85 -0.25 25.06
CA MET A 135 -4.21 0.69 26.12
C MET A 135 -2.95 1.22 26.78
N LEU A 136 -2.92 2.53 27.01
CA LEU A 136 -1.86 3.16 27.78
C LEU A 136 -2.30 3.33 29.23
N ARG A 137 -1.29 3.44 30.12
CA ARG A 137 -1.59 3.65 31.53
C ARG A 137 -2.41 4.92 31.74
N GLU A 138 -3.24 4.91 32.78
CA GLU A 138 -4.00 6.10 33.12
C GLU A 138 -3.03 7.24 33.44
N GLY A 139 -3.38 8.43 33.00
CA GLY A 139 -2.46 9.54 33.16
C GLY A 139 -1.50 9.71 32.01
N TYR A 140 -1.64 8.94 30.95
CA TYR A 140 -0.72 9.10 29.82
C TYR A 140 -0.81 10.50 29.20
N LYS A 141 -1.99 11.14 29.18
CA LYS A 141 -2.03 12.45 28.53
C LYS A 141 -1.17 13.45 29.32
N THR A 142 -1.32 13.47 30.65
CA THR A 142 -0.48 14.33 31.49
C THR A 142 1.00 13.98 31.31
N PHE A 143 1.30 12.72 31.18
CA PHE A 143 2.72 12.34 31.07
C PHE A 143 3.33 12.88 29.76
N PHE A 144 2.69 12.53 28.62
CA PHE A 144 3.26 12.93 27.34
C PHE A 144 3.20 14.44 27.16
N ASN A 145 2.11 15.08 27.63
CA ASN A 145 2.00 16.51 27.46
C ASN A 145 2.98 17.26 28.36
N THR A 146 3.22 16.76 29.60
CA THR A 146 4.15 17.46 30.46
C THR A 146 5.54 17.45 29.83
N LEU A 147 5.93 16.29 29.28
CA LEU A 147 7.27 16.20 28.70
C LEU A 147 7.39 17.13 27.50
N TYR A 148 6.37 17.13 26.65
CA TYR A 148 6.39 17.96 25.46
C TYR A 148 6.40 19.45 25.80
N HIS A 149 5.51 19.86 26.72
CA HIS A 149 5.41 21.27 27.07
C HIS A 149 6.66 21.77 27.78
N ASN A 150 7.47 20.85 28.33
CA ASN A 150 8.69 21.23 29.02
C ASN A 150 9.92 20.90 28.21
N ASN A 151 9.76 20.52 26.95
CA ASN A 151 10.90 20.27 26.06
C ASN A 151 11.84 19.22 26.64
N ILE A 152 11.27 18.15 27.18
CA ILE A 152 12.04 17.05 27.77
C ILE A 152 12.04 15.89 26.76
N PRO A 153 13.19 15.45 26.30
CA PRO A 153 13.19 14.32 25.38
C PRO A 153 12.76 13.06 26.11
N LEU A 154 11.94 12.26 25.43
CA LEU A 154 11.49 10.97 25.93
C LEU A 154 11.99 9.90 24.96
N PHE A 155 12.88 9.02 25.44
CA PHE A 155 13.38 7.92 24.64
C PHE A 155 12.59 6.68 25.03
N ILE A 156 11.90 6.07 24.09
CA ILE A 156 11.11 4.88 24.37
C ILE A 156 11.82 3.70 23.76
N PHE A 157 12.32 2.78 24.59
CA PHE A 157 12.97 1.58 24.08
C PHE A 157 11.97 0.44 24.03
N SER A 158 11.99 -0.31 22.91
CA SER A 158 11.15 -1.49 22.79
C SER A 158 11.80 -2.43 21.81
N ALA A 159 11.87 -3.71 22.17
CA ALA A 159 12.33 -4.75 21.23
C ALA A 159 11.23 -5.19 20.31
N GLY A 160 10.07 -4.51 20.38
CA GLY A 160 8.94 -4.77 19.51
C GLY A 160 9.05 -4.08 18.18
N ILE A 161 7.90 -3.75 17.61
CA ILE A 161 7.80 -3.16 16.27
C ILE A 161 7.51 -1.68 16.43
N GLY A 162 8.46 -0.84 15.96
CA GLY A 162 8.32 0.60 16.12
C GLY A 162 7.02 1.14 15.54
N ASP A 163 6.63 0.61 14.39
CA ASP A 163 5.42 1.12 13.71
C ASP A 163 4.18 0.92 14.56
N ILE A 164 4.13 -0.19 15.29
CA ILE A 164 2.98 -0.46 16.16
C ILE A 164 2.97 0.51 17.33
N LEU A 165 4.10 0.67 18.00
CA LEU A 165 4.22 1.63 19.09
C LEU A 165 3.81 3.02 18.64
N GLU A 166 4.35 3.46 17.49
CA GLU A 166 4.05 4.83 17.05
C GLU A 166 2.57 5.01 16.77
N GLU A 167 1.95 4.00 16.15
CA GLU A 167 0.53 4.14 15.88
C GLU A 167 -0.29 4.15 17.16
N ILE A 168 0.11 3.37 18.18
CA ILE A 168 -0.61 3.44 19.45
C ILE A 168 -0.57 4.86 20.01
N ILE A 169 0.63 5.43 20.11
CA ILE A 169 0.75 6.75 20.71
C ILE A 169 0.08 7.81 19.83
N ARG A 170 0.22 7.71 18.49
CA ARG A 170 -0.48 8.63 17.58
C ARG A 170 -1.98 8.53 17.75
N GLN A 171 -2.52 7.30 17.82
CA GLN A 171 -3.97 7.21 17.88
C GLN A 171 -4.52 7.68 19.21
N MET A 172 -3.70 7.65 20.27
CA MET A 172 -4.05 8.24 21.54
C MET A 172 -3.81 9.74 21.59
N LYS A 173 -3.40 10.34 20.47
CA LYS A 173 -3.29 11.80 20.28
C LYS A 173 -2.18 12.43 21.11
N VAL A 174 -1.11 11.67 21.41
CA VAL A 174 -0.03 12.19 22.25
C VAL A 174 1.34 11.98 21.61
N PHE A 175 1.39 11.76 20.29
CA PHE A 175 2.69 11.53 19.64
C PHE A 175 3.34 12.86 19.29
N HIS A 176 4.11 13.37 20.19
CA HIS A 176 4.72 14.67 20.08
C HIS A 176 6.16 14.59 19.62
N PRO A 177 6.69 15.69 19.08
CA PRO A 177 8.04 15.61 18.49
C PRO A 177 9.15 15.38 19.52
N ASN A 178 8.87 15.47 20.82
CA ASN A 178 9.90 15.16 21.80
C ASN A 178 10.07 13.65 22.03
N ILE A 179 9.26 12.80 21.41
CA ILE A 179 9.32 11.36 21.61
C ILE A 179 10.27 10.76 20.59
N HIS A 180 11.22 9.92 21.06
CA HIS A 180 12.18 9.29 20.17
C HIS A 180 12.12 7.79 20.45
N ILE A 181 11.57 7.01 19.53
CA ILE A 181 11.36 5.59 19.71
C ILE A 181 12.57 4.82 19.18
N VAL A 182 13.15 4.02 20.02
CA VAL A 182 14.27 3.18 19.67
C VAL A 182 13.73 1.75 19.63
N SER A 183 13.50 1.23 18.44
CA SER A 183 12.82 -0.04 18.30
C SER A 183 13.09 -0.54 16.88
N ASN A 184 12.34 -1.54 16.46
CA ASN A 184 12.53 -2.12 15.14
C ASN A 184 11.46 -1.60 14.20
N TYR A 185 11.85 -0.74 13.25
CA TYR A 185 10.90 -0.18 12.31
C TYR A 185 10.85 -0.97 10.99
N MET A 186 9.65 -1.13 10.47
CA MET A 186 9.43 -1.84 9.22
C MET A 186 9.97 -1.05 8.02
N ASP A 187 10.38 -1.79 7.00
CA ASP A 187 10.78 -1.21 5.72
C ASP A 187 9.82 -1.72 4.65
N PHE A 188 9.18 -0.81 3.95
CA PHE A 188 8.16 -1.17 2.98
C PHE A 188 8.64 -0.88 1.57
N ASN A 189 8.20 -1.71 0.62
CA ASN A 189 8.57 -1.49 -0.77
C ASN A 189 7.69 -0.40 -1.40
N GLU A 190 7.92 -0.15 -2.68
CA GLU A 190 7.23 0.95 -3.34
C GLU A 190 5.73 0.75 -3.39
N ASP A 191 5.30 -0.50 -3.36
CA ASP A 191 3.88 -0.85 -3.35
C ASP A 191 3.30 -0.89 -1.95
N GLY A 192 4.10 -0.57 -0.93
CA GLY A 192 3.62 -0.53 0.43
C GLY A 192 3.71 -1.84 1.19
N PHE A 193 4.39 -2.84 0.65
CA PHE A 193 4.45 -4.14 1.29
C PHE A 193 5.72 -4.27 2.14
N LEU A 194 5.57 -4.87 3.31
CA LEU A 194 6.70 -5.14 4.20
C LEU A 194 7.73 -6.02 3.51
N GLN A 195 8.99 -5.57 3.53
CA GLN A 195 10.09 -6.26 2.87
C GLN A 195 11.31 -6.46 3.77
N GLY A 196 11.34 -5.88 4.97
CA GLY A 196 12.51 -5.95 5.83
C GLY A 196 12.31 -5.05 7.06
N PHE A 197 13.37 -4.94 7.88
CA PHE A 197 13.37 -4.06 9.05
C PHE A 197 14.53 -3.10 8.95
N LYS A 198 14.33 -1.89 9.47
CA LYS A 198 15.31 -0.82 9.30
C LYS A 198 16.35 -0.88 10.40
N GLY A 199 17.59 -0.57 10.03
CA GLY A 199 18.63 -0.28 11.00
C GLY A 199 19.01 -1.46 11.86
N GLN A 200 19.37 -1.13 13.11
CA GLN A 200 19.94 -2.12 14.00
C GLN A 200 18.83 -2.96 14.63
N LEU A 201 19.06 -4.26 14.76
CA LEU A 201 18.08 -5.09 15.47
C LEU A 201 18.09 -4.78 16.97
N ILE A 202 16.90 -4.55 17.53
CA ILE A 202 16.76 -4.36 18.98
C ILE A 202 16.02 -5.56 19.50
N HIS A 203 16.68 -6.39 20.31
CA HIS A 203 16.03 -7.47 21.03
C HIS A 203 16.02 -7.12 22.51
N THR A 204 15.44 -8.01 23.33
CA THR A 204 15.15 -7.60 24.67
C THR A 204 16.40 -7.43 25.53
N TYR A 205 17.57 -7.94 25.08
CA TYR A 205 18.81 -7.82 25.83
C TYR A 205 19.80 -6.80 25.27
N ASN A 206 19.40 -5.95 24.29
CA ASN A 206 20.25 -4.84 23.86
C ASN A 206 19.48 -3.52 23.79
N LYS A 207 18.52 -3.35 24.71
CA LYS A 207 17.73 -2.12 24.79
C LYS A 207 18.52 -1.10 25.62
N ASN A 208 19.48 -0.44 24.99
CA ASN A 208 20.29 0.60 25.63
C ASN A 208 20.84 1.51 24.54
N SER A 209 21.70 2.46 24.91
CA SER A 209 22.13 3.45 23.92
C SER A 209 22.96 2.85 22.79
N SER A 210 23.38 1.60 22.91
CA SER A 210 24.02 0.89 21.80
C SER A 210 23.03 0.48 20.71
N GLU A 222 24.71 16.11 25.48
CA GLU A 222 23.98 17.33 25.13
C GLU A 222 23.57 18.07 26.40
N GLY A 223 24.24 17.74 27.50
CA GLY A 223 23.93 18.35 28.77
C GLY A 223 22.79 17.71 29.52
N LYS A 224 22.15 16.68 28.95
CA LYS A 224 21.02 16.01 29.59
C LYS A 224 21.56 14.90 30.52
N THR A 225 22.15 15.35 31.59
CA THR A 225 22.91 14.51 32.48
C THR A 225 22.07 13.95 33.60
N ASN A 226 20.79 14.34 33.69
CA ASN A 226 19.88 13.80 34.70
C ASN A 226 18.86 12.93 33.97
N VAL A 227 18.61 11.74 34.50
CA VAL A 227 17.77 10.74 33.82
C VAL A 227 16.68 10.23 34.76
N ILE A 228 15.45 10.13 34.26
CA ILE A 228 14.41 9.31 34.92
C ILE A 228 14.20 8.10 34.02
N LEU A 229 14.41 6.91 34.61
CA LEU A 229 14.26 5.67 33.88
C LEU A 229 12.98 5.00 34.35
N LEU A 230 12.16 4.53 33.41
CA LEU A 230 10.91 3.82 33.73
C LEU A 230 10.94 2.45 33.08
N GLY A 231 10.66 1.43 33.88
CA GLY A 231 10.61 0.07 33.35
C GLY A 231 9.66 -0.82 34.12
N ASP A 232 9.42 -2.01 33.59
CA ASP A 232 8.60 -2.96 34.35
C ASP A 232 9.28 -4.31 34.52
N SER A 233 10.41 -4.53 33.87
N SER A 233 10.42 -4.52 33.88
CA SER A 233 11.16 -5.78 34.03
CA SER A 233 11.21 -5.73 33.96
C SER A 233 12.52 -5.50 34.63
C SER A 233 12.53 -5.47 34.67
N ILE A 234 13.09 -6.52 35.26
CA ILE A 234 14.42 -6.38 35.86
C ILE A 234 15.45 -6.03 34.79
N GLY A 235 15.27 -6.52 33.55
CA GLY A 235 16.17 -6.15 32.46
C GLY A 235 16.16 -4.67 32.10
N ASP A 236 15.04 -3.96 32.36
CA ASP A 236 15.00 -2.55 31.98
C ASP A 236 15.92 -1.69 32.80
N LEU A 237 16.51 -2.24 33.88
CA LEU A 237 17.41 -1.42 34.71
C LEU A 237 18.60 -0.87 33.92
N THR A 238 18.97 -1.49 32.81
CA THR A 238 20.16 -1.13 32.05
C THR A 238 19.92 -0.16 30.90
N MET A 239 18.69 0.35 30.72
CA MET A 239 18.41 1.11 29.51
C MET A 239 19.24 2.39 29.40
N ALA A 240 19.64 2.99 30.52
CA ALA A 240 20.44 4.21 30.51
C ALA A 240 21.94 3.95 30.60
N ASP A 241 22.35 2.70 30.57
CA ASP A 241 23.77 2.37 30.58
C ASP A 241 24.37 2.85 29.26
N GLY A 242 25.48 3.55 29.33
CA GLY A 242 26.02 4.05 28.09
C GLY A 242 25.53 5.43 27.67
N VAL A 243 24.57 6.02 28.37
CA VAL A 243 24.33 7.45 28.20
C VAL A 243 25.54 8.12 28.82
N PRO A 244 26.31 8.93 28.08
CA PRO A 244 27.54 9.48 28.67
C PRO A 244 27.26 10.52 29.74
N GLY A 245 28.10 10.53 30.77
CA GLY A 245 28.15 11.63 31.73
C GLY A 245 26.89 11.83 32.54
N VAL A 246 26.15 10.75 32.82
CA VAL A 246 24.98 10.88 33.67
C VAL A 246 25.45 11.19 35.08
N GLN A 247 24.89 12.23 35.67
CA GLN A 247 25.21 12.65 37.03
C GLN A 247 24.19 12.15 38.03
N ASN A 248 22.94 12.06 37.63
CA ASN A 248 21.88 11.57 38.51
C ASN A 248 20.90 10.73 37.72
N ILE A 249 20.48 9.63 38.30
CA ILE A 249 19.47 8.78 37.67
C ILE A 249 18.52 8.30 38.75
N LEU A 250 17.24 8.37 38.45
CA LEU A 250 16.19 7.85 39.29
C LEU A 250 15.49 6.77 38.49
N LYS A 251 15.52 5.53 39.01
CA LYS A 251 14.91 4.39 38.33
C LYS A 251 13.59 4.04 39.02
N ILE A 252 12.52 4.02 38.23
CA ILE A 252 11.16 3.73 38.69
C ILE A 252 10.69 2.48 37.98
N GLY A 253 10.27 1.49 38.77
CA GLY A 253 9.92 0.22 38.23
C GLY A 253 8.49 -0.15 38.55
N PHE A 254 7.72 -0.50 37.52
CA PHE A 254 6.36 -1.02 37.71
C PHE A 254 6.41 -2.52 37.99
N LEU A 255 5.87 -2.91 39.14
CA LEU A 255 5.83 -4.29 39.57
C LEU A 255 4.40 -4.75 39.38
N ASN A 256 4.14 -5.43 38.25
CA ASN A 256 2.78 -5.68 37.77
C ASN A 256 2.20 -7.00 38.19
N ASP A 257 3.05 -8.00 38.43
CA ASP A 257 2.55 -9.35 38.68
C ASP A 257 3.67 -10.16 39.32
N LYS A 258 3.31 -11.37 39.73
CA LYS A 258 4.19 -12.25 40.52
C LYS A 258 4.85 -11.47 41.64
N VAL A 259 4.03 -10.66 42.36
CA VAL A 259 4.62 -9.63 43.20
C VAL A 259 5.37 -10.23 44.38
N GLU A 260 4.86 -11.31 44.98
CA GLU A 260 5.59 -11.90 46.11
C GLU A 260 6.93 -12.45 45.65
N GLU A 261 7.00 -12.96 44.41
CA GLU A 261 8.26 -13.51 43.91
C GLU A 261 9.23 -12.39 43.56
N ARG A 262 8.73 -11.27 43.04
CA ARG A 262 9.62 -10.28 42.43
C ARG A 262 9.91 -9.10 43.34
N ARG A 263 9.16 -8.91 44.43
CA ARG A 263 9.21 -7.59 45.06
C ARG A 263 10.61 -7.27 45.57
N GLU A 264 11.26 -8.24 46.22
CA GLU A 264 12.54 -7.91 46.84
C GLU A 264 13.54 -7.51 45.78
N ARG A 265 13.65 -8.30 44.71
CA ARG A 265 14.65 -7.96 43.69
C ARG A 265 14.34 -6.62 43.03
N TYR A 266 13.03 -6.31 42.85
CA TYR A 266 12.70 -5.01 42.27
C TYR A 266 13.08 -3.87 43.21
N MET A 267 12.71 -3.98 44.50
CA MET A 267 12.99 -2.89 45.41
C MET A 267 14.47 -2.70 45.62
N ASP A 268 15.25 -3.75 45.46
CA ASP A 268 16.67 -3.66 45.72
C ASP A 268 17.45 -3.08 44.57
N SER A 269 16.80 -2.85 43.41
CA SER A 269 17.44 -2.30 42.22
C SER A 269 16.77 -1.02 41.76
N TYR A 270 15.44 -1.00 41.71
CA TYR A 270 14.75 0.24 41.36
C TYR A 270 14.72 1.17 42.57
N ASP A 271 14.79 2.48 42.32
CA ASP A 271 14.72 3.42 43.43
C ASP A 271 13.32 3.49 43.99
N ILE A 272 12.33 3.56 43.10
CA ILE A 272 10.93 3.53 43.45
C ILE A 272 10.32 2.34 42.72
N VAL A 273 9.53 1.55 43.43
CA VAL A 273 8.75 0.49 42.81
C VAL A 273 7.28 0.80 42.96
N LEU A 274 6.52 0.63 41.89
CA LEU A 274 5.09 0.94 41.93
C LEU A 274 4.35 -0.37 41.78
N GLU A 275 3.71 -0.84 42.87
CA GLU A 275 3.14 -2.18 42.89
C GLU A 275 1.67 -2.15 42.43
N LYS A 276 1.40 -2.85 41.32
CA LYS A 276 0.06 -2.93 40.72
C LYS A 276 -0.56 -1.55 40.60
N ASP A 277 0.17 -0.66 39.92
CA ASP A 277 -0.27 0.71 39.72
C ASP A 277 -0.48 0.91 38.23
N GLU A 278 -1.74 1.00 37.81
CA GLU A 278 -2.05 1.12 36.39
C GLU A 278 -2.04 2.57 35.91
N THR A 279 -1.43 3.47 36.68
CA THR A 279 -1.35 4.88 36.34
C THR A 279 0.10 5.34 36.27
N LEU A 280 0.29 6.48 35.63
CA LEU A 280 1.54 7.24 35.64
C LEU A 280 1.53 8.36 36.68
N ASP A 281 0.65 8.27 37.69
CA ASP A 281 0.48 9.38 38.63
C ASP A 281 1.78 9.69 39.37
N VAL A 282 2.51 8.66 39.80
CA VAL A 282 3.69 8.97 40.59
C VAL A 282 4.74 9.66 39.74
N VAL A 283 4.98 9.13 38.53
CA VAL A 283 5.94 9.77 37.62
C VAL A 283 5.45 11.18 37.28
N ASN A 284 4.16 11.33 37.03
CA ASN A 284 3.66 12.67 36.70
C ASN A 284 3.86 13.66 37.83
N GLY A 285 3.61 13.22 39.07
CA GLY A 285 3.83 14.09 40.20
C GLY A 285 5.29 14.43 40.38
N LEU A 286 6.18 13.45 40.11
CA LEU A 286 7.61 13.75 40.20
C LEU A 286 8.02 14.73 39.12
N LEU A 287 7.47 14.59 37.91
CA LEU A 287 7.80 15.54 36.87
C LEU A 287 7.33 16.93 37.25
N GLN A 288 6.10 17.02 37.78
CA GLN A 288 5.59 18.33 38.17
C GLN A 288 6.45 18.94 39.26
N HIS A 289 6.87 18.14 40.25
CA HIS A 289 7.75 18.64 41.30
C HIS A 289 9.08 19.11 40.73
N ILE A 290 9.64 18.36 39.80
CA ILE A 290 10.97 18.68 39.29
C ILE A 290 10.90 19.89 38.37
N LEU A 291 9.82 20.04 37.63
CA LEU A 291 9.74 21.04 36.59
C LEU A 291 9.00 22.30 36.99
N CYS A 292 8.52 22.39 38.22
CA CYS A 292 7.82 23.61 38.63
C CYS A 292 8.73 24.40 39.55
N SER B 8 27.54 30.28 -35.21
CA SER B 8 27.62 28.95 -35.80
C SER B 8 26.58 28.00 -35.18
N THR B 9 26.31 28.16 -33.88
CA THR B 9 25.29 27.34 -33.24
C THR B 9 24.01 27.45 -34.02
N LEU B 10 23.72 28.66 -34.44
CA LEU B 10 22.48 28.93 -35.11
C LEU B 10 22.49 28.49 -36.57
N MET B 11 23.59 27.94 -37.07
CA MET B 11 23.54 27.52 -38.46
C MET B 11 23.00 26.12 -38.64
N LYS B 12 22.51 25.49 -37.57
CA LYS B 12 21.94 24.16 -37.70
C LYS B 12 20.71 24.21 -38.60
N ALA B 13 20.47 23.08 -39.29
CA ALA B 13 19.46 22.96 -40.32
C ALA B 13 18.05 23.17 -39.79
N THR B 14 17.83 22.89 -38.50
CA THR B 14 16.48 23.02 -37.94
C THR B 14 16.13 24.46 -37.55
N VAL B 15 17.06 25.39 -37.65
CA VAL B 15 16.90 26.74 -37.08
C VAL B 15 16.17 27.65 -38.05
N LEU B 16 15.11 28.31 -37.54
CA LEU B 16 14.37 29.34 -38.26
C LEU B 16 14.38 30.62 -37.44
N MET B 17 14.69 31.75 -38.08
CA MET B 17 14.61 33.03 -37.41
C MET B 17 13.98 34.04 -38.36
N ARG B 18 12.92 34.69 -37.90
CA ARG B 18 12.32 35.72 -38.74
C ARG B 18 13.23 36.94 -38.84
N GLN B 19 13.90 37.30 -37.74
CA GLN B 19 14.74 38.49 -37.68
C GLN B 19 16.08 38.08 -37.08
N PRO B 20 16.94 37.45 -37.88
CA PRO B 20 18.25 37.00 -37.35
C PRO B 20 19.09 38.12 -36.76
N GLY B 21 19.01 39.33 -37.33
CA GLY B 21 19.76 40.44 -36.78
C GLY B 21 19.31 40.82 -35.38
N ARG B 22 18.00 40.74 -35.13
CA ARG B 22 17.50 40.96 -33.78
C ARG B 22 17.92 39.83 -32.84
N VAL B 23 17.87 38.58 -33.30
CA VAL B 23 18.37 37.49 -32.46
C VAL B 23 19.81 37.74 -32.07
N GLN B 24 20.64 38.20 -33.03
CA GLN B 24 22.05 38.50 -32.72
C GLN B 24 22.15 39.57 -31.63
N GLU B 25 21.29 40.58 -31.70
CA GLU B 25 21.31 41.65 -30.69
C GLU B 25 20.90 41.12 -29.32
N ILE B 26 19.88 40.28 -29.28
CA ILE B 26 19.41 39.74 -28.01
C ILE B 26 20.49 38.85 -27.40
N VAL B 27 21.04 37.95 -28.20
CA VAL B 27 22.10 37.07 -27.68
C VAL B 27 23.30 37.88 -27.18
N GLY B 28 23.67 38.93 -27.92
CA GLY B 28 24.77 39.76 -27.48
C GLY B 28 24.50 40.41 -26.13
N ALA B 29 23.26 40.89 -25.93
CA ALA B 29 22.90 41.42 -24.62
C ALA B 29 22.92 40.34 -23.55
N LEU B 30 22.45 39.13 -23.86
CA LEU B 30 22.54 38.06 -22.85
C LEU B 30 23.99 37.77 -22.51
N ARG B 31 24.86 37.77 -23.52
CA ARG B 31 26.28 37.53 -23.25
C ARG B 31 26.85 38.64 -22.36
N LYS B 32 26.49 39.90 -22.65
CA LYS B 32 27.02 41.02 -21.88
C LYS B 32 26.58 40.93 -20.43
N GLY B 33 25.35 40.45 -20.19
CA GLY B 33 24.87 40.31 -18.83
C GLY B 33 25.45 39.14 -18.08
N GLY B 34 25.86 38.10 -18.78
CA GLY B 34 26.53 36.99 -18.11
C GLY B 34 25.53 36.14 -17.35
N GLY B 35 26.07 35.07 -16.76
CA GLY B 35 25.23 34.16 -16.01
C GLY B 35 24.62 34.82 -14.80
N ASP B 36 25.27 35.87 -14.27
CA ASP B 36 24.72 36.51 -13.09
C ASP B 36 23.32 37.07 -13.35
N ARG B 37 23.03 37.47 -14.58
CA ARG B 37 21.75 38.11 -14.88
C ARG B 37 20.73 37.15 -15.48
N LEU B 38 21.12 35.89 -15.67
CA LEU B 38 20.35 34.98 -16.50
C LEU B 38 19.48 34.03 -15.70
N GLN B 39 18.27 33.83 -16.19
CA GLN B 39 17.40 32.74 -15.73
C GLN B 39 16.77 32.09 -16.95
N VAL B 40 16.41 30.82 -16.80
CA VAL B 40 15.79 30.05 -17.87
C VAL B 40 14.40 29.60 -17.43
N ILE B 41 13.43 29.85 -18.30
CA ILE B 41 12.03 29.53 -18.05
C ILE B 41 11.57 28.62 -19.18
N SER B 42 11.13 27.43 -18.84
CA SER B 42 10.88 26.42 -19.84
C SER B 42 9.61 25.64 -19.53
N ASP B 43 8.87 25.34 -20.60
CA ASP B 43 7.83 24.34 -20.55
C ASP B 43 8.47 22.95 -20.43
N PHE B 44 7.70 21.98 -19.95
CA PHE B 44 8.23 20.63 -19.86
C PHE B 44 7.84 19.78 -21.07
N ASP B 45 6.56 19.41 -21.19
CA ASP B 45 6.17 18.39 -22.17
C ASP B 45 6.44 18.83 -23.60
N MET B 46 7.16 18.01 -24.34
CA MET B 46 7.46 18.26 -25.75
C MET B 46 8.38 19.45 -25.96
N THR B 47 8.90 20.04 -24.88
CA THR B 47 9.98 21.02 -24.94
C THR B 47 11.25 20.37 -24.36
N LEU B 48 11.29 20.16 -23.07
CA LEU B 48 12.40 19.41 -22.47
C LEU B 48 12.24 17.92 -22.67
N SER B 49 11.01 17.42 -22.66
CA SER B 49 10.78 16.04 -23.05
C SER B 49 10.75 15.91 -24.58
N ARG B 50 11.10 14.72 -25.04
CA ARG B 50 11.23 14.48 -26.49
C ARG B 50 9.86 14.31 -27.14
N PHE B 51 9.72 14.79 -28.39
CA PHE B 51 8.44 14.67 -29.06
C PHE B 51 8.25 13.31 -29.71
N ALA B 52 9.26 12.82 -30.43
CA ALA B 52 9.10 11.52 -31.08
C ALA B 52 10.47 10.87 -31.16
N TYR B 53 10.46 9.54 -31.16
CA TYR B 53 11.68 8.74 -31.17
C TYR B 53 11.35 7.43 -31.86
N ASN B 54 12.26 6.98 -32.73
CA ASN B 54 12.14 5.69 -33.40
C ASN B 54 10.79 5.55 -34.09
N GLY B 55 10.30 6.65 -34.67
CA GLY B 55 9.06 6.62 -35.43
C GLY B 55 7.80 6.58 -34.61
N LYS B 56 7.86 6.85 -33.32
CA LYS B 56 6.68 6.87 -32.48
C LYS B 56 6.69 8.12 -31.62
N ARG B 57 5.50 8.61 -31.29
CA ARG B 57 5.38 9.75 -30.41
C ARG B 57 5.80 9.33 -29.00
N CYS B 58 6.47 10.24 -28.31
CA CYS B 58 6.83 9.95 -26.93
C CYS B 58 5.69 10.38 -26.01
N PRO B 59 5.52 9.74 -24.87
CA PRO B 59 4.36 10.06 -24.04
C PRO B 59 4.55 11.40 -23.35
N SER B 60 3.42 12.10 -23.20
CA SER B 60 3.39 13.22 -22.29
C SER B 60 3.36 12.77 -20.83
N SER B 61 3.69 13.69 -19.93
CA SER B 61 3.55 13.40 -18.51
C SER B 61 2.18 12.85 -18.13
N TYR B 62 1.09 13.42 -18.71
CA TYR B 62 -0.26 12.92 -18.45
C TYR B 62 -0.35 11.44 -18.84
N ASN B 63 0.13 11.13 -20.05
CA ASN B 63 0.11 9.76 -20.57
C ASN B 63 0.92 8.85 -19.66
N ILE B 64 2.05 9.34 -19.14
CA ILE B 64 2.93 8.48 -18.34
C ILE B 64 2.17 7.94 -17.15
N LEU B 65 1.41 8.81 -16.48
CA LEU B 65 0.62 8.35 -15.34
C LEU B 65 -0.64 7.63 -15.79
N ASP B 66 -1.36 8.18 -16.76
CA ASP B 66 -2.66 7.63 -17.12
C ASP B 66 -2.58 6.26 -17.76
N ASN B 67 -1.50 5.97 -18.48
CA ASN B 67 -1.35 4.67 -19.11
C ASN B 67 -0.64 3.64 -18.23
N SER B 68 -0.34 4.00 -16.99
CA SER B 68 0.43 3.17 -16.08
C SER B 68 -0.45 2.10 -15.44
N LYS B 69 0.23 1.17 -14.75
CA LYS B 69 -0.43 0.04 -14.11
C LYS B 69 -1.23 0.45 -12.89
N ILE B 70 -1.02 1.66 -12.36
CA ILE B 70 -1.72 2.11 -11.16
C ILE B 70 -3.00 2.88 -11.45
N ILE B 71 -3.35 3.10 -12.72
CA ILE B 71 -4.61 3.73 -13.09
C ILE B 71 -5.52 2.66 -13.69
N SER B 72 -6.75 2.59 -13.21
CA SER B 72 -7.67 1.58 -13.70
C SER B 72 -8.14 1.91 -15.13
N GLU B 73 -8.66 0.89 -15.81
CA GLU B 73 -9.20 1.11 -17.14
C GLU B 73 -10.39 2.07 -17.09
N GLU B 74 -11.24 1.94 -16.07
CA GLU B 74 -12.38 2.83 -15.94
C GLU B 74 -11.92 4.26 -15.72
N CYS B 75 -10.84 4.44 -14.94
CA CYS B 75 -10.34 5.79 -14.72
C CYS B 75 -9.76 6.36 -16.00
N ARG B 76 -9.05 5.53 -16.77
CA ARG B 76 -8.56 5.98 -18.08
C ARG B 76 -9.71 6.39 -18.97
N LYS B 77 -10.78 5.59 -19.02
CA LYS B 77 -11.90 5.93 -19.87
C LYS B 77 -12.52 7.25 -19.45
N GLU B 78 -12.64 7.47 -18.14
CA GLU B 78 -13.23 8.72 -17.66
C GLU B 78 -12.32 9.90 -17.91
N LEU B 79 -11.00 9.72 -17.78
CA LEU B 79 -10.11 10.82 -18.14
C LEU B 79 -10.16 11.14 -19.65
N THR B 80 -10.26 10.10 -20.48
CA THR B 80 -10.34 10.34 -21.93
C THR B 80 -11.66 11.01 -22.29
N ALA B 81 -12.74 10.68 -21.58
CA ALA B 81 -14.01 11.37 -21.83
C ALA B 81 -13.89 12.85 -21.44
N LEU B 82 -13.19 13.15 -20.34
CA LEU B 82 -12.96 14.56 -20.01
C LEU B 82 -12.18 15.25 -21.13
N LEU B 83 -11.12 14.62 -21.62
CA LEU B 83 -10.34 15.20 -22.72
C LEU B 83 -11.21 15.41 -23.95
N HIS B 84 -12.03 14.42 -24.30
CA HIS B 84 -12.89 14.55 -25.46
C HIS B 84 -13.81 15.75 -25.36
N HIS B 85 -14.29 16.05 -24.15
CA HIS B 85 -15.17 17.21 -24.02
C HIS B 85 -14.42 18.53 -24.03
N TYR B 86 -13.31 18.59 -23.27
CA TYR B 86 -12.65 19.86 -23.01
C TYR B 86 -11.58 20.20 -24.03
N TYR B 87 -11.02 19.21 -24.74
CA TYR B 87 -9.99 19.53 -25.70
C TYR B 87 -10.46 20.53 -26.77
N PRO B 88 -11.63 20.37 -27.38
CA PRO B 88 -12.08 21.39 -28.36
C PRO B 88 -12.19 22.80 -27.78
N ILE B 89 -12.57 22.94 -26.51
CA ILE B 89 -12.61 24.24 -25.87
C ILE B 89 -11.20 24.79 -25.66
N GLU B 90 -10.31 23.93 -25.15
CA GLU B 90 -8.94 24.35 -24.91
C GLU B 90 -8.30 24.97 -26.15
N ILE B 91 -8.47 24.33 -27.31
CA ILE B 91 -7.74 24.75 -28.50
C ILE B 91 -8.52 25.73 -29.36
N ASP B 92 -9.77 26.06 -29.02
CA ASP B 92 -10.61 26.91 -29.86
C ASP B 92 -10.01 28.32 -29.96
N PRO B 93 -9.58 28.78 -31.13
CA PRO B 93 -8.98 30.11 -31.17
C PRO B 93 -10.00 31.20 -31.01
N HIS B 94 -11.26 30.89 -31.18
CA HIS B 94 -12.33 31.87 -31.07
C HIS B 94 -12.87 32.00 -29.66
N ARG B 95 -12.26 31.31 -28.71
CA ARG B 95 -12.51 31.59 -27.31
C ARG B 95 -11.30 32.32 -26.77
N THR B 96 -11.54 33.42 -26.07
CA THR B 96 -10.39 34.12 -25.54
C THR B 96 -9.83 33.31 -24.35
N VAL B 97 -8.57 33.63 -23.98
CA VAL B 97 -7.97 32.98 -22.83
C VAL B 97 -8.83 33.21 -21.60
N LYS B 98 -9.32 34.43 -21.41
CA LYS B 98 -10.17 34.69 -20.26
C LYS B 98 -11.43 33.83 -20.29
N GLU B 99 -12.00 33.62 -21.48
CA GLU B 99 -13.19 32.78 -21.62
C GLU B 99 -12.88 31.31 -21.41
N LYS B 100 -11.64 30.89 -21.67
CA LYS B 100 -11.28 29.49 -21.46
C LYS B 100 -11.05 29.13 -19.99
N LEU B 101 -10.63 30.11 -19.18
CA LEU B 101 -10.18 29.85 -17.82
C LEU B 101 -11.15 29.02 -17.00
N PRO B 102 -12.42 29.39 -16.87
CA PRO B 102 -13.28 28.56 -16.00
C PRO B 102 -13.44 27.15 -16.52
N HIS B 103 -13.36 26.94 -17.85
CA HIS B 103 -13.46 25.58 -18.38
C HIS B 103 -12.20 24.79 -18.05
N MET B 104 -11.03 25.43 -18.15
CA MET B 104 -9.79 24.74 -17.79
C MET B 104 -9.74 24.43 -16.31
N VAL B 105 -10.18 25.35 -15.46
CA VAL B 105 -10.19 25.07 -14.04
C VAL B 105 -11.08 23.86 -13.76
N GLU B 106 -12.25 23.81 -14.41
CA GLU B 106 -13.16 22.68 -14.23
C GLU B 106 -12.52 21.37 -14.70
N TRP B 107 -11.92 21.39 -15.89
CA TRP B 107 -11.32 20.18 -16.42
C TRP B 107 -10.22 19.66 -15.50
N TRP B 108 -9.28 20.53 -15.13
CA TRP B 108 -8.18 20.10 -14.27
C TRP B 108 -8.69 19.64 -12.90
N THR B 109 -9.67 20.35 -12.33
CA THR B 109 -10.18 19.95 -11.04
C THR B 109 -10.80 18.57 -11.12
N LYS B 110 -11.59 18.33 -12.15
CA LYS B 110 -12.25 17.03 -12.30
C LYS B 110 -11.24 15.92 -12.50
N ALA B 111 -10.23 16.16 -13.34
CA ALA B 111 -9.19 15.16 -13.54
C ALA B 111 -8.43 14.89 -12.25
N HIS B 112 -8.02 15.94 -11.54
CA HIS B 112 -7.33 15.74 -10.27
C HIS B 112 -8.22 14.93 -9.32
N ASN B 113 -9.52 15.23 -9.31
CA ASN B 113 -10.43 14.51 -8.41
C ASN B 113 -10.50 13.03 -8.77
N LEU B 114 -10.51 12.70 -10.07
CA LEU B 114 -10.53 11.30 -10.47
C LEU B 114 -9.26 10.60 -9.99
N LEU B 115 -8.11 11.25 -10.13
CA LEU B 115 -6.86 10.65 -9.66
C LEU B 115 -6.89 10.42 -8.15
N CYS B 116 -7.51 11.34 -7.41
CA CYS B 116 -7.63 11.17 -5.96
C CYS B 116 -8.53 9.99 -5.58
N GLN B 117 -9.36 9.50 -6.49
CA GLN B 117 -10.18 8.35 -6.19
C GLN B 117 -9.48 7.02 -6.55
N GLN B 118 -8.23 7.05 -6.99
CA GLN B 118 -7.51 5.84 -7.40
C GLN B 118 -6.65 5.18 -6.33
N LYS B 119 -6.33 5.84 -5.23
CA LYS B 119 -5.51 5.18 -4.18
C LYS B 119 -4.07 4.92 -4.65
N ILE B 120 -3.49 5.95 -5.23
CA ILE B 120 -2.12 6.00 -5.72
C ILE B 120 -1.22 6.26 -4.53
N GLN B 121 -0.12 5.53 -4.45
CA GLN B 121 0.82 5.72 -3.35
C GLN B 121 2.06 6.47 -3.81
N LYS B 122 2.62 7.25 -2.88
CA LYS B 122 3.74 8.13 -3.16
C LYS B 122 4.90 7.41 -3.83
N PHE B 123 5.29 6.25 -3.29
CA PHE B 123 6.40 5.48 -3.84
C PHE B 123 6.08 4.91 -5.22
N GLN B 124 4.81 4.83 -5.61
CA GLN B 124 4.50 4.25 -6.90
C GLN B 124 4.84 5.18 -8.05
N ILE B 125 5.02 6.47 -7.79
CA ILE B 125 5.33 7.39 -8.87
C ILE B 125 6.65 7.01 -9.50
N ALA B 126 7.66 6.72 -8.66
CA ALA B 126 8.94 6.31 -9.22
C ALA B 126 8.77 5.07 -10.07
N GLN B 127 7.96 4.11 -9.60
CA GLN B 127 7.77 2.88 -10.35
C GLN B 127 7.13 3.17 -11.71
N VAL B 128 6.05 3.97 -11.73
CA VAL B 128 5.39 4.25 -13.01
C VAL B 128 6.34 4.92 -13.99
N VAL B 129 7.17 5.85 -13.50
CA VAL B 129 8.11 6.52 -14.40
C VAL B 129 9.16 5.52 -14.88
N ARG B 130 9.63 4.65 -13.99
CA ARG B 130 10.66 3.68 -14.36
C ARG B 130 10.19 2.73 -15.46
N GLU B 131 8.92 2.38 -15.41
CA GLU B 131 8.35 1.44 -16.38
C GLU B 131 7.84 2.15 -17.62
N SER B 132 7.89 3.47 -17.65
CA SER B 132 7.29 4.20 -18.75
C SER B 132 8.26 4.32 -19.93
N ASN B 133 7.76 4.93 -21.00
CA ASN B 133 8.54 5.33 -22.16
C ASN B 133 8.99 6.77 -22.10
N ALA B 134 9.12 7.34 -20.90
CA ALA B 134 9.57 8.71 -20.77
C ALA B 134 10.93 8.92 -21.42
N MET B 135 11.09 10.05 -22.11
CA MET B 135 12.32 10.40 -22.78
C MET B 135 12.52 11.90 -22.77
N LEU B 136 13.73 12.36 -22.47
CA LEU B 136 14.10 13.75 -22.63
C LEU B 136 14.79 13.97 -23.98
N ARG B 137 14.75 15.21 -24.45
CA ARG B 137 15.44 15.53 -25.70
C ARG B 137 16.92 15.19 -25.59
N GLU B 138 17.52 14.84 -26.73
CA GLU B 138 18.95 14.60 -26.78
C GLU B 138 19.68 15.86 -26.38
N GLY B 139 20.74 15.68 -25.63
CA GLY B 139 21.44 16.82 -25.10
C GLY B 139 20.96 17.25 -23.76
N TYR B 140 20.06 16.49 -23.13
CA TYR B 140 19.53 16.93 -21.84
C TYR B 140 20.62 16.98 -20.77
N LYS B 141 21.59 16.06 -20.82
CA LYS B 141 22.62 16.07 -19.80
C LYS B 141 23.43 17.37 -19.88
N THR B 142 23.87 17.75 -21.08
CA THR B 142 24.58 19.02 -21.24
C THR B 142 23.71 20.21 -20.82
N PHE B 143 22.42 20.16 -21.14
CA PHE B 143 21.56 21.27 -20.77
C PHE B 143 21.44 21.44 -19.25
N PHE B 144 21.01 20.39 -18.55
CA PHE B 144 20.83 20.53 -17.10
C PHE B 144 22.16 20.76 -16.39
N ASN B 145 23.23 20.13 -16.86
CA ASN B 145 24.53 20.30 -16.18
C ASN B 145 25.09 21.69 -16.41
N THR B 146 24.93 22.25 -17.62
CA THR B 146 25.44 23.58 -17.87
C THR B 146 24.73 24.57 -16.97
N LEU B 147 23.42 24.45 -16.84
CA LEU B 147 22.69 25.39 -15.99
C LEU B 147 23.13 25.25 -14.53
N TYR B 148 23.30 24.01 -14.06
CA TYR B 148 23.70 23.80 -12.68
C TYR B 148 25.12 24.33 -12.43
N HIS B 149 26.05 24.00 -13.34
CA HIS B 149 27.44 24.36 -13.12
C HIS B 149 27.65 25.86 -13.19
N ASN B 150 26.72 26.57 -13.82
CA ASN B 150 26.78 28.02 -13.96
C ASN B 150 25.83 28.73 -13.01
N ASN B 151 25.21 28.02 -12.08
CA ASN B 151 24.36 28.65 -11.08
C ASN B 151 23.23 29.44 -11.75
N ILE B 152 22.62 28.85 -12.77
CA ILE B 152 21.51 29.47 -13.50
C ILE B 152 20.19 28.84 -13.04
N PRO B 153 19.26 29.59 -12.48
CA PRO B 153 17.99 28.98 -12.10
C PRO B 153 17.21 28.55 -13.34
N LEU B 154 16.60 27.37 -13.26
CA LEU B 154 15.75 26.84 -14.32
C LEU B 154 14.35 26.66 -13.74
N PHE B 155 13.40 27.40 -14.26
CA PHE B 155 12.01 27.26 -13.83
C PHE B 155 11.28 26.44 -14.89
N ILE B 156 10.70 25.33 -14.49
CA ILE B 156 10.02 24.44 -15.42
C ILE B 156 8.53 24.56 -15.13
N PHE B 157 7.76 25.09 -16.10
CA PHE B 157 6.32 25.19 -15.94
C PHE B 157 5.63 23.99 -16.59
N SER B 158 4.66 23.41 -15.89
CA SER B 158 3.89 22.30 -16.44
C SER B 158 2.52 22.25 -15.78
N ALA B 159 1.47 22.14 -16.57
CA ALA B 159 0.13 21.94 -16.01
C ALA B 159 -0.11 20.49 -15.65
N GLY B 160 0.93 19.64 -15.79
CA GLY B 160 0.82 18.24 -15.43
C GLY B 160 1.08 17.99 -13.96
N ILE B 161 1.65 16.81 -13.66
CA ILE B 161 1.85 16.37 -12.28
C ILE B 161 3.31 16.55 -11.93
N GLY B 162 3.56 17.42 -10.94
CA GLY B 162 4.92 17.75 -10.56
C GLY B 162 5.73 16.53 -10.16
N ASP B 163 5.10 15.60 -9.45
CA ASP B 163 5.83 14.41 -8.99
C ASP B 163 6.32 13.58 -10.17
N ILE B 164 5.55 13.55 -11.25
CA ILE B 164 5.97 12.79 -12.44
C ILE B 164 7.15 13.47 -13.09
N LEU B 165 7.07 14.79 -13.25
CA LEU B 165 8.18 15.55 -13.84
C LEU B 165 9.43 15.30 -13.04
N GLU B 166 9.32 15.45 -11.72
CA GLU B 166 10.52 15.34 -10.90
C GLU B 166 11.14 13.96 -11.01
N GLU B 167 10.31 12.92 -11.05
CA GLU B 167 10.87 11.57 -11.13
C GLU B 167 11.55 11.33 -12.47
N ILE B 168 10.97 11.87 -13.55
CA ILE B 168 11.63 11.71 -14.85
C ILE B 168 13.03 12.29 -14.79
N ILE B 169 13.12 13.53 -14.29
CA ILE B 169 14.40 14.23 -14.28
C ILE B 169 15.37 13.54 -13.32
N ARG B 170 14.87 13.12 -12.14
CA ARG B 170 15.73 12.43 -11.19
C ARG B 170 16.24 11.11 -11.77
N GLN B 171 15.37 10.37 -12.45
CA GLN B 171 15.83 9.07 -12.93
C GLN B 171 16.78 9.22 -14.11
N MET B 172 16.71 10.34 -14.83
CA MET B 172 17.71 10.66 -15.83
C MET B 172 18.98 11.25 -15.25
N LYS B 173 19.06 11.34 -13.91
CA LYS B 173 20.28 11.69 -13.16
C LYS B 173 20.67 13.16 -13.33
N VAL B 174 19.70 14.04 -13.54
CA VAL B 174 19.99 15.44 -13.83
C VAL B 174 19.15 16.36 -12.95
N PHE B 175 18.58 15.88 -11.85
CA PHE B 175 17.72 16.74 -11.03
C PHE B 175 18.54 17.53 -10.01
N HIS B 176 19.00 18.67 -10.42
CA HIS B 176 19.91 19.49 -9.64
C HIS B 176 19.17 20.58 -8.88
N PRO B 177 19.79 21.16 -7.84
CA PRO B 177 19.03 22.11 -6.99
C PRO B 177 18.73 23.44 -7.66
N ASN B 178 19.25 23.70 -8.86
CA ASN B 178 18.89 24.90 -9.55
C ASN B 178 17.55 24.77 -10.27
N ILE B 179 16.92 23.59 -10.26
CA ILE B 179 15.68 23.36 -10.98
C ILE B 179 14.51 23.62 -10.03
N HIS B 180 13.53 24.42 -10.51
CA HIS B 180 12.38 24.81 -9.72
C HIS B 180 11.15 24.51 -10.57
N ILE B 181 10.38 23.51 -10.19
CA ILE B 181 9.27 23.00 -10.97
C ILE B 181 8.00 23.67 -10.47
N VAL B 182 7.30 24.33 -11.38
CA VAL B 182 6.05 25.01 -11.08
C VAL B 182 4.96 24.18 -11.73
N SER B 183 4.25 23.39 -10.93
CA SER B 183 3.33 22.41 -11.50
C SER B 183 2.42 21.97 -10.36
N ASN B 184 1.67 20.90 -10.58
CA ASN B 184 0.71 20.44 -9.58
C ASN B 184 1.31 19.25 -8.85
N TYR B 185 1.71 19.47 -7.59
CA TYR B 185 2.32 18.40 -6.80
C TYR B 185 1.27 17.65 -5.97
N MET B 186 1.43 16.33 -5.88
CA MET B 186 0.52 15.50 -5.12
C MET B 186 0.64 15.72 -3.62
N ASP B 187 -0.46 15.57 -2.92
CA ASP B 187 -0.47 15.60 -1.47
C ASP B 187 -0.86 14.22 -0.99
N PHE B 188 -0.02 13.60 -0.17
CA PHE B 188 -0.22 12.24 0.31
C PHE B 188 -0.50 12.22 1.80
N ASN B 189 -1.34 11.26 2.20
CA ASN B 189 -1.68 11.12 3.61
C ASN B 189 -0.58 10.40 4.38
N GLU B 190 -0.81 10.19 5.69
CA GLU B 190 0.21 9.60 6.54
C GLU B 190 0.54 8.18 6.10
N ASP B 191 -0.42 7.50 5.46
CA ASP B 191 -0.21 6.16 4.96
C ASP B 191 0.43 6.14 3.57
N GLY B 192 0.71 7.30 2.98
CA GLY B 192 1.32 7.40 1.67
C GLY B 192 0.35 7.47 0.50
N PHE B 193 -0.95 7.63 0.72
CA PHE B 193 -1.94 7.61 -0.35
C PHE B 193 -2.30 9.01 -0.85
N LEU B 194 -2.44 9.14 -2.17
CA LEU B 194 -2.83 10.41 -2.76
C LEU B 194 -4.18 10.86 -2.21
N GLN B 195 -4.22 12.10 -1.70
CA GLN B 195 -5.43 12.66 -1.14
C GLN B 195 -5.81 14.03 -1.70
N GLY B 196 -4.95 14.67 -2.48
CA GLY B 196 -5.24 16.00 -2.97
C GLY B 196 -4.03 16.54 -3.71
N PHE B 197 -4.12 17.81 -4.11
CA PHE B 197 -3.01 18.48 -4.77
C PHE B 197 -2.61 19.71 -3.96
N LYS B 198 -1.32 20.02 -3.99
CA LYS B 198 -0.75 21.08 -3.17
C LYS B 198 -0.83 22.42 -3.88
N GLY B 199 -1.04 23.47 -3.10
CA GLY B 199 -0.89 24.82 -3.61
C GLY B 199 -1.89 25.18 -4.68
N GLN B 200 -1.45 26.06 -5.58
CA GLN B 200 -2.32 26.64 -6.59
C GLN B 200 -2.47 25.69 -7.75
N LEU B 201 -3.69 25.59 -8.30
CA LEU B 201 -3.91 24.81 -9.51
C LEU B 201 -3.20 25.48 -10.68
N ILE B 202 -2.39 24.72 -11.42
CA ILE B 202 -1.75 25.18 -12.64
C ILE B 202 -2.42 24.42 -13.77
N HIS B 203 -3.12 25.12 -14.62
CA HIS B 203 -3.63 24.53 -15.84
C HIS B 203 -2.90 25.17 -17.01
N THR B 204 -3.27 24.78 -18.22
CA THR B 204 -2.43 25.15 -19.34
C THR B 204 -2.50 26.63 -19.65
N TYR B 205 -3.50 27.35 -19.13
CA TYR B 205 -3.63 28.76 -19.43
C TYR B 205 -3.24 29.68 -18.25
N ASN B 206 -2.59 29.15 -17.19
CA ASN B 206 -2.03 30.04 -16.18
C ASN B 206 -0.62 29.62 -15.82
N LYS B 207 0.13 29.15 -16.84
CA LYS B 207 1.52 28.75 -16.65
C LYS B 207 2.37 30.01 -16.76
N ASN B 208 2.44 30.75 -15.66
CA ASN B 208 3.27 31.94 -15.61
C ASN B 208 3.60 32.21 -14.14
N SER B 209 4.39 33.27 -13.89
CA SER B 209 4.85 33.48 -12.52
C SER B 209 3.78 33.98 -11.57
N SER B 210 2.59 34.29 -12.06
CA SER B 210 1.55 34.58 -11.09
C SER B 210 1.05 33.32 -10.33
N ALA B 211 1.73 32.19 -10.58
CA ALA B 211 1.41 30.91 -9.96
C ALA B 211 2.24 30.70 -8.69
N GLU B 222 16.07 37.67 -8.74
CA GLU B 222 16.80 38.60 -7.88
C GLU B 222 17.90 39.24 -8.70
N GLY B 223 17.55 40.22 -9.53
CA GLY B 223 18.49 40.76 -10.49
C GLY B 223 18.60 39.94 -11.75
N LYS B 224 17.83 38.85 -11.86
CA LYS B 224 17.87 37.97 -13.02
C LYS B 224 16.94 38.56 -14.09
N THR B 225 17.40 39.64 -14.68
CA THR B 225 16.58 40.38 -15.60
C THR B 225 16.73 39.91 -17.03
N ASN B 226 17.59 38.92 -17.30
CA ASN B 226 17.69 38.35 -18.64
C ASN B 226 17.09 36.96 -18.65
N VAL B 227 16.26 36.68 -19.65
CA VAL B 227 15.48 35.44 -19.69
C VAL B 227 15.70 34.70 -21.00
N ILE B 228 15.92 33.40 -20.91
CA ILE B 228 15.75 32.52 -22.07
C ILE B 228 14.49 31.69 -21.82
N LEU B 229 13.52 31.80 -22.73
CA LEU B 229 12.25 31.10 -22.64
C LEU B 229 12.25 29.95 -23.65
N LEU B 230 11.82 28.76 -23.23
CA LEU B 230 11.73 27.59 -24.10
C LEU B 230 10.32 27.03 -24.05
N GLY B 231 9.72 26.81 -25.22
CA GLY B 231 8.38 26.27 -25.31
C GLY B 231 8.16 25.49 -26.60
N ASP B 232 7.03 24.80 -26.65
CA ASP B 232 6.66 24.12 -27.88
C ASP B 232 5.28 24.48 -28.37
N SER B 233 4.50 25.19 -27.58
CA SER B 233 3.16 25.60 -27.98
CA SER B 233 3.15 25.60 -27.95
C SER B 233 3.10 27.11 -28.08
N ILE B 234 2.12 27.60 -28.82
CA ILE B 234 2.00 29.03 -28.92
C ILE B 234 1.64 29.64 -27.57
N GLY B 235 0.96 28.89 -26.71
CA GLY B 235 0.63 29.40 -25.36
C GLY B 235 1.86 29.61 -24.48
N ASP B 236 2.96 28.89 -24.76
CA ASP B 236 4.13 29.01 -23.91
C ASP B 236 4.79 30.36 -24.03
N LEU B 237 4.42 31.17 -25.03
CA LEU B 237 5.05 32.48 -25.18
C LEU B 237 4.85 33.38 -23.96
N THR B 238 3.87 33.08 -23.13
CA THR B 238 3.55 33.94 -21.99
C THR B 238 4.19 33.52 -20.67
N MET B 239 5.04 32.48 -20.64
CA MET B 239 5.47 31.96 -19.35
C MET B 239 6.27 32.96 -18.54
N ALA B 240 6.99 33.88 -19.21
CA ALA B 240 7.79 34.87 -18.50
C ALA B 240 7.03 36.16 -18.26
N ASP B 241 5.75 36.21 -18.60
CA ASP B 241 4.96 37.39 -18.30
C ASP B 241 4.81 37.48 -16.78
N GLY B 242 5.03 38.65 -16.24
CA GLY B 242 4.94 38.75 -14.81
C GLY B 242 6.24 38.56 -14.08
N VAL B 243 7.31 38.17 -14.78
CA VAL B 243 8.63 38.31 -14.18
C VAL B 243 8.95 39.80 -14.15
N PRO B 244 9.21 40.41 -13.00
CA PRO B 244 9.39 41.85 -12.97
C PRO B 244 10.70 42.30 -13.61
N GLY B 245 10.64 43.43 -14.33
CA GLY B 245 11.83 44.14 -14.75
C GLY B 245 12.72 43.39 -15.72
N VAL B 246 12.14 42.52 -16.54
CA VAL B 246 12.94 41.82 -17.53
C VAL B 246 13.47 42.82 -18.53
N GLN B 247 14.78 42.77 -18.76
CA GLN B 247 15.39 43.70 -19.71
C GLN B 247 15.65 43.05 -21.06
N ASN B 248 15.93 41.75 -21.07
CA ASN B 248 16.13 41.05 -22.33
C ASN B 248 15.49 39.66 -22.24
N ILE B 249 14.81 39.26 -23.31
CA ILE B 249 14.25 37.92 -23.37
C ILE B 249 14.43 37.34 -24.77
N LEU B 250 14.86 36.08 -24.81
CA LEU B 250 15.01 35.32 -26.07
C LEU B 250 14.06 34.15 -25.98
N LYS B 251 13.08 34.08 -26.89
CA LYS B 251 12.09 33.00 -26.90
C LYS B 251 12.43 32.00 -27.98
N ILE B 252 12.58 30.75 -27.57
CA ILE B 252 12.92 29.64 -28.46
C ILE B 252 11.76 28.66 -28.45
N GLY B 253 11.26 28.36 -29.64
CA GLY B 253 10.10 27.52 -29.76
C GLY B 253 10.41 26.28 -30.56
N PHE B 254 10.13 25.11 -30.01
CA PHE B 254 10.19 23.84 -30.75
C PHE B 254 8.91 23.65 -31.55
N LEU B 255 9.07 23.53 -32.88
CA LEU B 255 7.96 23.34 -33.81
C LEU B 255 7.99 21.87 -34.20
N ASN B 256 7.15 21.05 -33.53
CA ASN B 256 7.29 19.60 -33.55
C ASN B 256 6.43 18.92 -34.61
N ASP B 257 5.30 19.52 -34.98
CA ASP B 257 4.34 18.85 -35.84
C ASP B 257 3.40 19.88 -36.44
N LYS B 258 2.54 19.43 -37.34
CA LYS B 258 1.67 20.32 -38.14
C LYS B 258 2.47 21.51 -38.64
N VAL B 259 3.70 21.26 -39.13
CA VAL B 259 4.63 22.36 -39.33
C VAL B 259 4.16 23.32 -40.41
N GLU B 260 3.56 22.83 -41.50
CA GLU B 260 3.09 23.77 -42.53
C GLU B 260 1.99 24.68 -42.00
N GLU B 261 1.15 24.16 -41.09
CA GLU B 261 0.07 24.97 -40.51
C GLU B 261 0.60 25.97 -39.48
N ARG B 262 1.64 25.57 -38.73
CA ARG B 262 2.06 26.37 -37.59
C ARG B 262 3.26 27.26 -37.84
N ARG B 263 4.02 27.06 -38.91
CA ARG B 263 5.34 27.66 -38.99
C ARG B 263 5.27 29.17 -38.92
N GLU B 264 4.36 29.79 -39.67
CA GLU B 264 4.37 31.24 -39.73
C GLU B 264 4.04 31.82 -38.36
N ARG B 265 3.01 31.31 -37.70
CA ARG B 265 2.67 31.90 -36.41
C ARG B 265 3.79 31.68 -35.39
N TYR B 266 4.47 30.52 -35.45
CA TYR B 266 5.60 30.32 -34.55
C TYR B 266 6.74 31.28 -34.84
N MET B 267 7.14 31.40 -36.14
CA MET B 267 8.26 32.27 -36.45
C MET B 267 7.94 33.72 -36.14
N ASP B 268 6.67 34.08 -36.16
CA ASP B 268 6.32 35.47 -35.96
C ASP B 268 6.21 35.85 -34.50
N SER B 269 6.33 34.88 -33.56
CA SER B 269 6.30 35.16 -32.13
C SER B 269 7.57 34.68 -31.42
N TYR B 270 8.05 33.49 -31.73
CA TYR B 270 9.31 33.04 -31.13
C TYR B 270 10.48 33.68 -31.88
N ASP B 271 11.56 34.01 -31.15
CA ASP B 271 12.73 34.59 -31.81
C ASP B 271 13.44 33.55 -32.65
N ILE B 272 13.62 32.36 -32.07
CA ILE B 272 14.18 31.22 -32.76
C ILE B 272 13.14 30.12 -32.74
N VAL B 273 12.92 29.49 -33.91
CA VAL B 273 12.07 28.32 -34.02
C VAL B 273 12.93 27.14 -34.42
N LEU B 274 12.76 26.01 -33.73
CA LEU B 274 13.53 24.82 -34.05
C LEU B 274 12.56 23.79 -34.64
N GLU B 275 12.68 23.51 -35.95
CA GLU B 275 11.69 22.69 -36.65
C GLU B 275 12.10 21.23 -36.63
N LYS B 276 11.26 20.38 -36.00
CA LYS B 276 11.53 18.93 -35.87
C LYS B 276 12.94 18.63 -35.40
N ASP B 277 13.28 19.23 -34.29
CA ASP B 277 14.61 19.09 -33.70
C ASP B 277 14.44 18.40 -32.36
N GLU B 278 14.88 17.14 -32.26
CA GLU B 278 14.69 16.37 -31.04
C GLU B 278 15.87 16.53 -30.07
N THR B 279 16.65 17.57 -30.25
CA THR B 279 17.81 17.84 -29.41
C THR B 279 17.68 19.22 -28.77
N LEU B 280 18.44 19.38 -27.69
CA LEU B 280 18.68 20.67 -27.07
C LEU B 280 19.97 21.34 -27.57
N ASP B 281 20.49 20.91 -28.73
CA ASP B 281 21.77 21.40 -29.21
C ASP B 281 21.80 22.91 -29.35
N VAL B 282 20.77 23.50 -29.93
CA VAL B 282 20.83 24.94 -30.20
C VAL B 282 20.82 25.72 -28.91
N VAL B 283 19.95 25.32 -27.98
CA VAL B 283 19.91 26.00 -26.70
C VAL B 283 21.22 25.79 -25.97
N ASN B 284 21.76 24.58 -26.03
CA ASN B 284 23.04 24.34 -25.35
C ASN B 284 24.15 25.21 -25.91
N GLY B 285 24.16 25.37 -27.25
CA GLY B 285 25.17 26.20 -27.88
C GLY B 285 25.04 27.65 -27.48
N LEU B 286 23.79 28.12 -27.36
CA LEU B 286 23.60 29.49 -26.94
C LEU B 286 24.02 29.69 -25.50
N LEU B 287 23.71 28.72 -24.64
CA LEU B 287 24.16 28.80 -23.26
C LEU B 287 25.67 28.85 -23.20
N GLN B 288 26.35 27.99 -23.98
CA GLN B 288 27.80 27.97 -23.97
C GLN B 288 28.35 29.31 -24.45
N HIS B 289 27.75 29.86 -25.50
CA HIS B 289 28.18 31.16 -26.01
C HIS B 289 27.97 32.26 -24.97
N ILE B 290 26.83 32.26 -24.29
CA ILE B 290 26.51 33.30 -23.31
C ILE B 290 27.35 33.14 -22.05
N LEU B 291 27.65 31.90 -21.63
CA LEU B 291 28.27 31.71 -20.34
C LEU B 291 29.77 31.50 -20.38
N CYS B 292 30.38 31.40 -21.55
CA CYS B 292 31.83 31.14 -21.58
C CYS B 292 32.57 32.38 -22.00
N GLU C 6 43.12 -21.44 -4.84
CA GLU C 6 42.75 -22.47 -3.88
C GLU C 6 41.30 -22.33 -3.40
N VAL C 7 40.41 -23.18 -3.90
CA VAL C 7 38.99 -23.13 -3.54
C VAL C 7 38.57 -24.54 -3.13
N SER C 8 38.58 -24.81 -1.81
CA SER C 8 38.24 -26.14 -1.30
C SER C 8 36.85 -26.60 -1.73
N THR C 9 35.91 -25.66 -1.85
CA THR C 9 34.55 -25.99 -2.29
C THR C 9 34.57 -26.74 -3.61
N LEU C 10 35.49 -26.38 -4.49
CA LEU C 10 35.51 -27.01 -5.80
C LEU C 10 36.02 -28.44 -5.76
N MET C 11 36.53 -28.91 -4.63
CA MET C 11 36.95 -30.31 -4.56
C MET C 11 35.89 -31.22 -3.92
N LYS C 12 34.69 -30.71 -3.70
CA LYS C 12 33.63 -31.56 -3.17
C LYS C 12 33.23 -32.67 -4.14
N ALA C 13 32.64 -33.72 -3.59
CA ALA C 13 32.38 -34.95 -4.35
C ALA C 13 31.55 -34.73 -5.59
N THR C 14 30.59 -33.82 -5.57
CA THR C 14 29.72 -33.69 -6.73
C THR C 14 30.33 -32.82 -7.82
N VAL C 15 31.49 -32.21 -7.58
CA VAL C 15 32.01 -31.21 -8.52
C VAL C 15 32.77 -31.90 -9.63
N LEU C 16 32.39 -31.65 -10.87
CA LEU C 16 33.17 -32.13 -12.01
C LEU C 16 33.64 -30.90 -12.76
N MET C 17 34.91 -30.85 -13.11
CA MET C 17 35.42 -29.73 -13.92
C MET C 17 36.41 -30.27 -14.93
N ARG C 18 36.22 -29.88 -16.19
CA ARG C 18 37.21 -30.19 -17.23
C ARG C 18 38.49 -29.45 -17.01
N GLN C 19 38.43 -28.18 -16.68
CA GLN C 19 39.62 -27.34 -16.63
C GLN C 19 39.65 -26.63 -15.29
N PRO C 20 40.10 -27.33 -14.22
CA PRO C 20 40.05 -26.68 -12.89
C PRO C 20 40.89 -25.44 -12.80
N GLY C 21 42.02 -25.37 -13.52
CA GLY C 21 42.84 -24.16 -13.48
C GLY C 21 42.09 -22.92 -13.97
N ARG C 22 41.38 -23.03 -15.09
CA ARG C 22 40.59 -21.91 -15.58
CA ARG C 22 40.61 -21.90 -15.57
C ARG C 22 39.52 -21.50 -14.57
N VAL C 23 38.86 -22.48 -13.95
CA VAL C 23 37.77 -22.19 -13.03
C VAL C 23 38.29 -21.47 -11.81
N GLN C 24 39.45 -21.92 -11.27
CA GLN C 24 40.04 -21.23 -10.14
C GLN C 24 40.36 -19.79 -10.49
N GLU C 25 40.80 -19.54 -11.73
CA GLU C 25 41.08 -18.17 -12.16
C GLU C 25 39.79 -17.36 -12.21
N ILE C 26 38.71 -17.97 -12.68
CA ILE C 26 37.43 -17.24 -12.74
C ILE C 26 36.98 -16.87 -11.33
N VAL C 27 37.01 -17.84 -10.42
CA VAL C 27 36.59 -17.61 -9.04
C VAL C 27 37.44 -16.51 -8.40
N GLY C 28 38.75 -16.53 -8.66
CA GLY C 28 39.62 -15.49 -8.14
C GLY C 28 39.25 -14.12 -8.66
N ALA C 29 38.91 -14.03 -9.94
CA ALA C 29 38.47 -12.76 -10.51
C ALA C 29 37.15 -12.31 -9.87
N LEU C 30 36.24 -13.24 -9.61
CA LEU C 30 34.99 -12.90 -8.93
C LEU C 30 35.28 -12.36 -7.54
N ARG C 31 36.18 -13.01 -6.80
CA ARG C 31 36.52 -12.53 -5.46
C ARG C 31 37.13 -11.13 -5.51
N LYS C 32 38.05 -10.91 -6.44
CA LYS C 32 38.70 -9.61 -6.49
C LYS C 32 37.71 -8.52 -6.84
N GLY C 33 36.72 -8.83 -7.68
CA GLY C 33 35.72 -7.85 -8.02
C GLY C 33 34.77 -7.57 -6.89
N GLY C 34 34.58 -8.54 -5.99
CA GLY C 34 33.77 -8.35 -4.81
C GLY C 34 32.27 -8.42 -5.08
N GLY C 35 31.52 -8.39 -3.97
CA GLY C 35 30.09 -8.53 -4.09
C GLY C 35 29.44 -7.37 -4.83
N ASP C 36 30.04 -6.18 -4.75
CA ASP C 36 29.45 -5.02 -5.41
C ASP C 36 29.35 -5.20 -6.91
N ARG C 37 30.19 -6.03 -7.50
CA ARG C 37 30.19 -6.22 -8.95
C ARG C 37 29.42 -7.45 -9.39
N LEU C 38 28.84 -8.20 -8.46
CA LEU C 38 28.32 -9.53 -8.74
C LEU C 38 26.81 -9.54 -8.93
N GLN C 39 26.35 -10.35 -9.87
CA GLN C 39 24.95 -10.72 -9.94
C GLN C 39 24.84 -12.21 -10.22
N VAL C 40 23.74 -12.82 -9.78
CA VAL C 40 23.46 -14.23 -10.02
C VAL C 40 22.26 -14.34 -10.96
N ILE C 41 22.42 -15.15 -12.00
CA ILE C 41 21.40 -15.38 -13.02
C ILE C 41 21.12 -16.88 -13.02
N SER C 42 19.88 -17.26 -12.69
CA SER C 42 19.60 -18.66 -12.40
C SER C 42 18.32 -19.11 -13.08
N ASP C 43 18.34 -20.32 -13.61
CA ASP C 43 17.11 -21.01 -13.98
C ASP C 43 16.38 -21.42 -12.70
N PHE C 44 15.08 -21.67 -12.82
CA PHE C 44 14.31 -22.13 -11.66
C PHE C 44 14.19 -23.66 -11.59
N ASP C 45 13.40 -24.25 -12.49
CA ASP C 45 13.06 -25.66 -12.35
C ASP C 45 14.29 -26.56 -12.46
N MET C 46 14.50 -27.38 -11.43
CA MET C 46 15.57 -28.37 -11.39
C MET C 46 16.94 -27.74 -11.28
N THR C 47 17.03 -26.43 -11.08
CA THR C 47 18.23 -25.71 -10.70
C THR C 47 18.07 -25.22 -9.27
N LEU C 48 17.19 -24.25 -9.03
CA LEU C 48 16.91 -23.89 -7.64
C LEU C 48 15.93 -24.84 -6.99
N SER C 49 14.99 -25.39 -7.74
CA SER C 49 14.09 -26.41 -7.22
C SER C 49 14.77 -27.76 -7.34
N ARG C 50 14.34 -28.66 -6.47
CA ARG C 50 14.95 -29.96 -6.32
C ARG C 50 14.57 -30.92 -7.45
N PHE C 51 15.53 -31.79 -7.81
CA PHE C 51 15.22 -32.76 -8.86
C PHE C 51 14.53 -33.99 -8.28
N ALA C 52 15.04 -34.51 -7.16
CA ALA C 52 14.47 -35.71 -6.58
C ALA C 52 14.69 -35.68 -5.09
N TYR C 53 13.77 -36.32 -4.38
CA TYR C 53 13.79 -36.38 -2.93
C TYR C 53 13.10 -37.66 -2.49
N ASN C 54 13.67 -38.28 -1.46
CA ASN C 54 13.09 -39.47 -0.84
C ASN C 54 12.79 -40.56 -1.87
N GLY C 55 13.67 -40.69 -2.84
CA GLY C 55 13.54 -41.70 -3.86
C GLY C 55 12.53 -41.41 -4.96
N LYS C 56 12.02 -40.19 -5.03
CA LYS C 56 11.03 -39.88 -6.05
C LYS C 56 11.34 -38.55 -6.73
N ARG C 57 10.91 -38.44 -7.99
CA ARG C 57 11.10 -37.19 -8.74
C ARG C 57 10.24 -36.08 -8.17
N CYS C 58 10.81 -34.88 -8.10
CA CYS C 58 10.08 -33.70 -7.65
C CYS C 58 9.41 -33.03 -8.84
N PRO C 59 8.29 -32.36 -8.58
CA PRO C 59 7.51 -31.75 -9.67
C PRO C 59 8.19 -30.48 -10.18
N SER C 60 8.04 -30.25 -11.47
CA SER C 60 8.32 -28.94 -12.04
C SER C 60 7.23 -27.96 -11.66
N SER C 61 7.53 -26.66 -11.81
CA SER C 61 6.47 -25.66 -11.63
C SER C 61 5.21 -25.97 -12.45
N TYR C 62 5.40 -26.43 -13.69
CA TYR C 62 4.28 -26.79 -14.55
C TYR C 62 3.44 -27.87 -13.90
N ASN C 63 4.10 -28.91 -13.38
CA ASN C 63 3.43 -30.01 -12.71
C ASN C 63 2.68 -29.53 -11.48
N ILE C 64 3.26 -28.59 -10.73
CA ILE C 64 2.63 -28.16 -9.48
C ILE C 64 1.24 -27.64 -9.76
N LEU C 65 1.11 -26.80 -10.79
CA LEU C 65 -0.21 -26.24 -11.12
C LEU C 65 -1.06 -27.28 -11.84
N ASP C 66 -0.50 -27.94 -12.84
CA ASP C 66 -1.34 -28.80 -13.65
C ASP C 66 -1.87 -30.01 -12.90
N ASN C 67 -1.12 -30.53 -11.92
CA ASN C 67 -1.57 -31.67 -11.14
C ASN C 67 -2.38 -31.26 -9.93
N SER C 68 -2.64 -29.98 -9.74
CA SER C 68 -3.34 -29.52 -8.54
C SER C 68 -4.85 -29.75 -8.68
N LYS C 69 -5.57 -29.48 -7.58
CA LYS C 69 -7.01 -29.69 -7.54
C LYS C 69 -7.81 -28.67 -8.35
N ILE C 70 -7.20 -27.55 -8.78
CA ILE C 70 -7.95 -26.54 -9.50
C ILE C 70 -7.91 -26.75 -11.00
N ILE C 71 -7.19 -27.75 -11.48
CA ILE C 71 -7.11 -28.08 -12.90
C ILE C 71 -7.83 -29.41 -13.10
N SER C 72 -8.76 -29.43 -14.05
CA SER C 72 -9.56 -30.62 -14.29
C SER C 72 -8.76 -31.71 -15.02
N GLU C 73 -9.29 -32.93 -14.95
CA GLU C 73 -8.68 -34.02 -15.70
C GLU C 73 -8.73 -33.75 -17.20
N GLU C 74 -9.83 -33.18 -17.69
CA GLU C 74 -9.93 -32.84 -19.11
C GLU C 74 -8.87 -31.84 -19.52
N CYS C 75 -8.60 -30.88 -18.63
CA CYS C 75 -7.60 -29.88 -18.96
C CYS C 75 -6.20 -30.46 -18.94
N ARG C 76 -5.89 -31.33 -17.99
CA ARG C 76 -4.59 -31.98 -18.03
C ARG C 76 -4.44 -32.76 -19.33
N LYS C 77 -5.50 -33.46 -19.74
CA LYS C 77 -5.39 -34.22 -20.98
C LYS C 77 -5.09 -33.31 -22.17
N GLU C 78 -5.74 -32.14 -22.25
CA GLU C 78 -5.50 -31.26 -23.38
C GLU C 78 -4.11 -30.62 -23.32
N LEU C 79 -3.62 -30.33 -22.09
CA LEU C 79 -2.25 -29.83 -21.93
C LEU C 79 -1.25 -30.88 -22.37
N THR C 80 -1.54 -32.16 -22.08
CA THR C 80 -0.69 -33.27 -22.53
C THR C 80 -0.79 -33.45 -24.03
N ALA C 81 -1.97 -33.22 -24.62
CA ALA C 81 -2.07 -33.27 -26.08
C ALA C 81 -1.25 -32.15 -26.72
N LEU C 82 -1.27 -30.96 -26.14
CA LEU C 82 -0.42 -29.89 -26.67
C LEU C 82 1.04 -30.27 -26.57
N LEU C 83 1.44 -30.80 -25.42
CA LEU C 83 2.82 -31.21 -25.26
C LEU C 83 3.22 -32.27 -26.29
N HIS C 84 2.36 -33.25 -26.50
CA HIS C 84 2.67 -34.29 -27.49
C HIS C 84 2.88 -33.68 -28.87
N HIS C 85 2.14 -32.63 -29.22
CA HIS C 85 2.36 -32.05 -30.54
C HIS C 85 3.63 -31.21 -30.62
N TYR C 86 3.90 -30.39 -29.59
CA TYR C 86 4.94 -29.37 -29.66
C TYR C 86 6.31 -29.84 -29.15
N TYR C 87 6.35 -30.83 -28.27
CA TYR C 87 7.65 -31.26 -27.71
C TYR C 87 8.63 -31.74 -28.79
N PRO C 88 8.24 -32.55 -29.76
CA PRO C 88 9.21 -32.95 -30.80
C PRO C 88 9.78 -31.76 -31.54
N ILE C 89 8.98 -30.72 -31.74
CA ILE C 89 9.47 -29.51 -32.40
C ILE C 89 10.49 -28.81 -31.51
N GLU C 90 10.15 -28.67 -30.21
CA GLU C 90 11.05 -28.05 -29.25
C GLU C 90 12.42 -28.72 -29.24
N ILE C 91 12.48 -30.05 -29.24
CA ILE C 91 13.76 -30.71 -28.96
C ILE C 91 14.54 -31.08 -30.20
N ASP C 92 13.99 -30.84 -31.40
CA ASP C 92 14.70 -31.17 -32.63
C ASP C 92 15.95 -30.31 -32.81
N PRO C 93 17.16 -30.90 -32.80
CA PRO C 93 18.35 -30.06 -32.85
C PRO C 93 18.60 -29.46 -34.22
N HIS C 94 18.01 -30.03 -35.26
CA HIS C 94 18.22 -29.53 -36.60
C HIS C 94 17.16 -28.54 -37.06
N ARG C 95 16.25 -28.15 -36.17
CA ARG C 95 15.38 -27.00 -36.40
C ARG C 95 16.06 -25.83 -35.71
N THR C 96 16.12 -24.69 -36.40
CA THR C 96 16.81 -23.56 -35.80
C THR C 96 15.89 -22.92 -34.75
N VAL C 97 16.48 -22.06 -33.91
CA VAL C 97 15.65 -21.33 -32.95
C VAL C 97 14.58 -20.53 -33.68
N LYS C 98 14.96 -19.84 -34.77
CA LYS C 98 13.97 -19.06 -35.50
C LYS C 98 12.84 -19.94 -36.04
N GLU C 99 13.16 -21.15 -36.50
CA GLU C 99 12.15 -22.07 -36.97
C GLU C 99 11.28 -22.59 -35.84
N LYS C 100 11.82 -22.68 -34.62
CA LYS C 100 11.03 -23.14 -33.49
C LYS C 100 10.16 -22.03 -32.91
N LEU C 101 10.60 -20.77 -33.00
CA LEU C 101 9.95 -19.69 -32.26
C LEU C 101 8.44 -19.61 -32.46
N PRO C 102 7.90 -19.58 -33.67
CA PRO C 102 6.44 -19.43 -33.78
C PRO C 102 5.68 -20.59 -33.17
N HIS C 103 6.27 -21.78 -33.20
CA HIS C 103 5.63 -22.95 -32.59
C HIS C 103 5.66 -22.86 -31.09
N MET C 104 6.80 -22.42 -30.51
CA MET C 104 6.86 -22.26 -29.06
C MET C 104 5.89 -21.19 -28.59
N VAL C 105 5.80 -20.07 -29.31
CA VAL C 105 4.83 -19.03 -28.94
C VAL C 105 3.43 -19.62 -28.96
N GLU C 106 3.11 -20.41 -29.98
CA GLU C 106 1.80 -21.05 -30.08
C GLU C 106 1.56 -21.97 -28.90
N TRP C 107 2.53 -22.82 -28.59
CA TRP C 107 2.36 -23.78 -27.50
C TRP C 107 2.10 -23.06 -26.17
N TRP C 108 2.97 -22.11 -25.81
CA TRP C 108 2.78 -21.43 -24.53
C TRP C 108 1.48 -20.63 -24.51
N THR C 109 1.14 -19.97 -25.62
CA THR C 109 -0.09 -19.17 -25.63
C THR C 109 -1.31 -20.07 -25.45
N LYS C 110 -1.34 -21.18 -26.16
CA LYS C 110 -2.46 -22.10 -26.04
C LYS C 110 -2.56 -22.71 -24.65
N ALA C 111 -1.42 -23.14 -24.06
CA ALA C 111 -1.51 -23.64 -22.71
C ALA C 111 -2.03 -22.57 -21.76
N HIS C 112 -1.50 -21.34 -21.89
CA HIS C 112 -1.98 -20.24 -21.05
C HIS C 112 -3.49 -20.04 -21.22
N ASN C 113 -3.98 -20.17 -22.45
CA ASN C 113 -5.42 -20.02 -22.73
C ASN C 113 -6.21 -21.12 -22.03
N LEU C 114 -5.65 -22.34 -21.98
CA LEU C 114 -6.32 -23.42 -21.28
C LEU C 114 -6.40 -23.14 -19.80
N LEU C 115 -5.30 -22.61 -19.22
CA LEU C 115 -5.35 -22.25 -17.79
C LEU C 115 -6.41 -21.20 -17.51
N CYS C 116 -6.58 -20.22 -18.42
CA CYS C 116 -7.63 -19.21 -18.19
C CYS C 116 -9.03 -19.81 -18.17
N GLN C 117 -9.24 -20.92 -18.86
CA GLN C 117 -10.60 -21.44 -18.95
C GLN C 117 -10.90 -22.40 -17.84
N GLN C 118 -9.95 -22.56 -16.90
CA GLN C 118 -10.21 -23.35 -15.70
C GLN C 118 -10.79 -22.55 -14.55
N LYS C 119 -11.04 -21.24 -14.73
CA LYS C 119 -11.67 -20.41 -13.68
C LYS C 119 -10.82 -20.39 -12.41
N ILE C 120 -9.56 -20.04 -12.60
CA ILE C 120 -8.58 -19.96 -11.53
C ILE C 120 -8.72 -18.62 -10.85
N GLN C 121 -8.79 -18.62 -9.51
CA GLN C 121 -8.82 -17.39 -8.76
C GLN C 121 -7.45 -17.16 -8.13
N LYS C 122 -7.09 -15.89 -7.99
CA LYS C 122 -5.79 -15.51 -7.49
C LYS C 122 -5.45 -16.19 -6.17
N PHE C 123 -6.39 -16.22 -5.21
CA PHE C 123 -6.07 -16.79 -3.91
C PHE C 123 -5.73 -18.27 -4.03
N GLN C 124 -6.16 -18.92 -5.11
CA GLN C 124 -5.93 -20.36 -5.22
C GLN C 124 -4.47 -20.69 -5.50
N ILE C 125 -3.69 -19.75 -6.03
CA ILE C 125 -2.31 -20.08 -6.39
C ILE C 125 -1.50 -20.40 -5.14
N ALA C 126 -1.61 -19.57 -4.09
CA ALA C 126 -0.94 -19.88 -2.84
C ALA C 126 -1.42 -21.21 -2.30
N GLN C 127 -2.73 -21.46 -2.40
CA GLN C 127 -3.28 -22.71 -1.88
C GLN C 127 -2.73 -23.91 -2.66
N VAL C 128 -2.60 -23.80 -3.99
CA VAL C 128 -2.00 -24.87 -4.81
C VAL C 128 -0.58 -25.13 -4.33
N VAL C 129 0.18 -24.07 -4.06
CA VAL C 129 1.55 -24.27 -3.64
C VAL C 129 1.59 -24.89 -2.26
N ARG C 130 0.69 -24.46 -1.35
CA ARG C 130 0.67 -24.99 0.01
C ARG C 130 0.42 -26.49 0.01
N GLU C 131 -0.43 -26.97 -0.89
CA GLU C 131 -0.79 -28.37 -0.99
C GLU C 131 0.10 -29.20 -1.90
N SER C 132 1.11 -28.61 -2.55
CA SER C 132 1.93 -29.29 -3.54
C SER C 132 3.11 -29.98 -2.90
N ASN C 133 3.86 -30.66 -3.77
CA ASN C 133 5.13 -31.27 -3.40
C ASN C 133 6.34 -30.41 -3.79
N ALA C 134 6.16 -29.10 -3.90
CA ALA C 134 7.26 -28.22 -4.26
C ALA C 134 8.37 -28.34 -3.24
N MET C 135 9.63 -28.35 -3.73
CA MET C 135 10.81 -28.41 -2.88
C MET C 135 11.91 -27.61 -3.56
N LEU C 136 12.61 -26.81 -2.77
CA LEU C 136 13.85 -26.18 -3.21
C LEU C 136 15.04 -27.06 -2.81
N ARG C 137 16.16 -26.87 -3.52
CA ARG C 137 17.38 -27.58 -3.14
C ARG C 137 17.75 -27.30 -1.67
N GLU C 138 18.32 -28.34 -1.02
CA GLU C 138 18.80 -28.17 0.33
C GLU C 138 19.87 -27.09 0.35
N GLY C 139 19.84 -26.23 1.38
CA GLY C 139 20.72 -25.09 1.45
C GLY C 139 20.13 -23.84 0.86
N TYR C 140 18.86 -23.89 0.46
CA TYR C 140 18.22 -22.72 -0.14
C TYR C 140 18.19 -21.54 0.85
N LYS C 141 18.05 -21.81 2.16
CA LYS C 141 18.02 -20.68 3.08
C LYS C 141 19.34 -19.92 3.07
N THR C 142 20.45 -20.65 3.15
CA THR C 142 21.75 -19.99 3.08
C THR C 142 21.92 -19.27 1.76
N PHE C 143 21.43 -19.86 0.67
CA PHE C 143 21.62 -19.27 -0.64
C PHE C 143 20.88 -17.93 -0.75
N PHE C 144 19.57 -17.94 -0.50
CA PHE C 144 18.79 -16.72 -0.65
C PHE C 144 19.19 -15.68 0.39
N ASN C 145 19.49 -16.11 1.62
CA ASN C 145 19.82 -15.15 2.66
C ASN C 145 21.19 -14.52 2.44
N THR C 146 22.16 -15.31 1.95
CA THR C 146 23.48 -14.74 1.67
C THR C 146 23.40 -13.69 0.58
N LEU C 147 22.65 -13.97 -0.49
CA LEU C 147 22.53 -12.98 -1.56
C LEU C 147 21.81 -11.74 -1.06
N TYR C 148 20.76 -11.92 -0.27
CA TYR C 148 20.01 -10.78 0.24
C TYR C 148 20.89 -9.93 1.16
N HIS C 149 21.61 -10.57 2.08
CA HIS C 149 22.42 -9.84 3.06
C HIS C 149 23.59 -9.11 2.43
N ASN C 150 24.06 -9.56 1.27
CA ASN C 150 25.17 -8.92 0.59
C ASN C 150 24.70 -8.10 -0.59
N ASN C 151 23.38 -7.90 -0.73
CA ASN C 151 22.83 -7.02 -1.75
C ASN C 151 23.24 -7.46 -3.14
N ILE C 152 23.21 -8.77 -3.37
CA ILE C 152 23.55 -9.33 -4.67
C ILE C 152 22.23 -9.58 -5.39
N PRO C 153 21.97 -8.95 -6.54
CA PRO C 153 20.75 -9.26 -7.28
C PRO C 153 20.75 -10.69 -7.74
N LEU C 154 19.59 -11.33 -7.64
CA LEU C 154 19.35 -12.69 -8.13
C LEU C 154 18.25 -12.60 -9.17
N PHE C 155 18.56 -12.91 -10.42
CA PHE C 155 17.55 -12.95 -11.47
C PHE C 155 17.19 -14.40 -11.71
N ILE C 156 15.92 -14.75 -11.53
CA ILE C 156 15.47 -16.13 -11.74
C ILE C 156 14.66 -16.15 -13.02
N PHE C 157 15.13 -16.92 -14.02
CA PHE C 157 14.39 -17.07 -15.27
C PHE C 157 13.57 -18.35 -15.25
N SER C 158 12.32 -18.27 -15.72
CA SER C 158 11.54 -19.49 -15.83
C SER C 158 10.49 -19.26 -16.92
N ALA C 159 10.35 -20.22 -17.83
CA ALA C 159 9.24 -20.16 -18.80
C ALA C 159 7.92 -20.64 -18.21
N GLY C 160 7.92 -20.96 -16.92
CA GLY C 160 6.71 -21.35 -16.22
C GLY C 160 5.90 -20.15 -15.78
N ILE C 161 5.23 -20.31 -14.65
CA ILE C 161 4.30 -19.32 -14.12
C ILE C 161 4.93 -18.58 -12.94
N GLY C 162 5.11 -17.27 -13.09
CA GLY C 162 5.78 -16.49 -12.07
C GLY C 162 5.09 -16.57 -10.72
N ASP C 163 3.76 -16.56 -10.73
CA ASP C 163 3.02 -16.59 -9.47
C ASP C 163 3.32 -17.87 -8.69
N ILE C 164 3.56 -18.98 -9.40
CA ILE C 164 3.88 -20.25 -8.75
C ILE C 164 5.27 -20.18 -8.12
N LEU C 165 6.29 -19.74 -8.89
CA LEU C 165 7.62 -19.55 -8.33
C LEU C 165 7.61 -18.66 -7.10
N GLU C 166 6.98 -17.49 -7.23
CA GLU C 166 6.98 -16.56 -6.12
C GLU C 166 6.34 -17.18 -4.88
N GLU C 167 5.26 -17.94 -5.05
CA GLU C 167 4.63 -18.55 -3.87
C GLU C 167 5.49 -19.65 -3.28
N ILE C 168 6.21 -20.40 -4.13
CA ILE C 168 7.12 -21.41 -3.58
C ILE C 168 8.16 -20.74 -2.68
N ILE C 169 8.79 -19.70 -3.20
CA ILE C 169 9.87 -19.05 -2.48
C ILE C 169 9.36 -18.36 -1.22
N ARG C 170 8.21 -17.65 -1.33
N ARG C 170 8.21 -17.66 -1.35
CA ARG C 170 7.62 -17.04 -0.14
CA ARG C 170 7.57 -17.03 -0.20
C ARG C 170 7.25 -18.10 0.89
C ARG C 170 7.19 -18.06 0.87
N GLN C 171 6.64 -19.20 0.46
CA GLN C 171 6.22 -20.19 1.44
C GLN C 171 7.41 -20.90 2.06
N MET C 172 8.56 -20.91 1.38
CA MET C 172 9.80 -21.40 1.97
C MET C 172 10.47 -20.33 2.81
N LYS C 173 9.86 -19.15 2.94
CA LYS C 173 10.28 -18.08 3.85
C LYS C 173 11.59 -17.44 3.43
N VAL C 174 11.85 -17.37 2.14
CA VAL C 174 13.12 -16.83 1.64
C VAL C 174 12.94 -15.84 0.50
N PHE C 175 11.76 -15.27 0.35
CA PHE C 175 11.58 -14.27 -0.68
C PHE C 175 12.10 -12.94 -0.16
N HIS C 176 13.12 -12.42 -0.82
CA HIS C 176 13.71 -11.16 -0.43
C HIS C 176 13.65 -10.20 -1.59
N PRO C 177 13.80 -8.91 -1.34
CA PRO C 177 13.65 -7.92 -2.42
C PRO C 177 14.80 -7.89 -3.41
N ASN C 178 15.89 -8.62 -3.18
CA ASN C 178 16.94 -8.72 -4.19
C ASN C 178 16.60 -9.73 -5.28
N ILE C 179 15.48 -10.46 -5.15
CA ILE C 179 15.10 -11.47 -6.14
C ILE C 179 14.25 -10.83 -7.22
N HIS C 180 14.59 -11.11 -8.47
CA HIS C 180 13.88 -10.55 -9.63
C HIS C 180 13.49 -11.71 -10.54
N ILE C 181 12.21 -12.01 -10.61
CA ILE C 181 11.74 -13.15 -11.37
C ILE C 181 11.35 -12.71 -12.78
N VAL C 182 11.94 -13.37 -13.79
CA VAL C 182 11.61 -13.18 -15.20
C VAL C 182 10.82 -14.40 -15.63
N SER C 183 9.49 -14.27 -15.72
CA SER C 183 8.60 -15.40 -16.00
C SER C 183 7.26 -14.88 -16.46
N ASN C 184 6.28 -15.77 -16.52
CA ASN C 184 4.95 -15.39 -17.02
C ASN C 184 4.04 -15.20 -15.83
N TYR C 185 3.67 -13.96 -15.56
CA TYR C 185 2.79 -13.68 -14.44
C TYR C 185 1.34 -13.61 -14.88
N MET C 186 0.46 -14.16 -14.04
CA MET C 186 -0.98 -14.14 -14.31
C MET C 186 -1.55 -12.75 -14.20
N ASP C 187 -2.57 -12.50 -15.02
CA ASP C 187 -3.34 -11.26 -14.98
C ASP C 187 -4.74 -11.62 -14.55
N PHE C 188 -5.21 -11.02 -13.46
CA PHE C 188 -6.51 -11.35 -12.88
C PHE C 188 -7.48 -10.22 -13.10
N ASN C 189 -8.74 -10.56 -13.34
CA ASN C 189 -9.76 -9.53 -13.51
C ASN C 189 -10.20 -9.00 -12.15
N GLU C 190 -11.16 -8.07 -12.18
CA GLU C 190 -11.59 -7.41 -10.95
C GLU C 190 -12.19 -8.38 -9.95
N ASP C 191 -12.73 -9.50 -10.42
CA ASP C 191 -13.28 -10.51 -9.52
C ASP C 191 -12.23 -11.48 -9.02
N GLY C 192 -10.97 -11.31 -9.43
CA GLY C 192 -9.92 -12.19 -8.99
C GLY C 192 -9.70 -13.40 -9.88
N PHE C 193 -10.35 -13.45 -11.04
CA PHE C 193 -10.23 -14.60 -11.92
C PHE C 193 -9.12 -14.38 -12.97
N LEU C 194 -8.37 -15.43 -13.23
CA LEU C 194 -7.34 -15.38 -14.24
C LEU C 194 -7.95 -15.07 -15.61
N GLN C 195 -7.41 -14.07 -16.29
CA GLN C 195 -7.94 -13.72 -17.59
C GLN C 195 -6.89 -13.68 -18.67
N GLY C 196 -5.60 -13.77 -18.32
CA GLY C 196 -4.55 -13.63 -19.31
C GLY C 196 -3.24 -13.63 -18.57
N PHE C 197 -2.18 -13.31 -19.31
CA PHE C 197 -0.83 -13.22 -18.76
C PHE C 197 -0.23 -11.85 -19.05
N LYS C 198 0.60 -11.39 -18.13
CA LYS C 198 1.12 -10.04 -18.19
C LYS C 198 2.36 -9.97 -19.03
N GLY C 199 2.49 -8.88 -19.77
CA GLY C 199 3.73 -8.49 -20.39
C GLY C 199 4.20 -9.49 -21.43
N GLN C 200 5.52 -9.65 -21.52
CA GLN C 200 6.10 -10.44 -22.59
C GLN C 200 6.00 -11.92 -22.27
N LEU C 201 5.65 -12.72 -23.28
CA LEU C 201 5.66 -14.16 -23.13
C LEU C 201 7.09 -14.67 -23.02
N ILE C 202 7.35 -15.46 -21.99
CA ILE C 202 8.64 -16.12 -21.79
C ILE C 202 8.45 -17.58 -22.08
N HIS C 203 9.03 -18.08 -23.16
CA HIS C 203 9.04 -19.51 -23.39
C HIS C 203 10.49 -20.00 -23.31
N THR C 204 10.67 -21.28 -23.60
CA THR C 204 11.98 -21.83 -23.28
C THR C 204 13.05 -21.34 -24.23
N TYR C 205 12.65 -20.69 -25.32
CA TYR C 205 13.61 -20.20 -26.31
C TYR C 205 13.83 -18.69 -26.27
N ASN C 206 13.27 -17.98 -25.26
CA ASN C 206 13.67 -16.59 -25.05
C ASN C 206 13.91 -16.33 -23.57
N LYS C 207 14.42 -17.32 -22.83
CA LYS C 207 14.71 -17.14 -21.42
C LYS C 207 16.09 -16.53 -21.32
N ASN C 208 16.16 -15.23 -21.56
CA ASN C 208 17.45 -14.58 -21.48
C ASN C 208 17.24 -13.12 -21.16
N SER C 209 18.35 -12.43 -20.91
CA SER C 209 18.22 -11.09 -20.37
C SER C 209 17.71 -10.08 -21.38
N SER C 210 17.57 -10.48 -22.66
CA SER C 210 16.88 -9.63 -23.64
C SER C 210 15.37 -9.59 -23.41
N ALA C 211 14.83 -10.53 -22.65
CA ALA C 211 13.41 -10.53 -22.32
C ALA C 211 13.14 -9.73 -21.03
N LEU C 221 21.08 -1.86 -11.68
CA LEU C 221 21.81 -3.06 -12.10
C LEU C 221 23.10 -2.69 -12.82
N GLU C 222 23.44 -1.40 -12.80
CA GLU C 222 24.67 -0.95 -13.42
C GLU C 222 25.88 -1.36 -12.57
N GLY C 223 26.96 -1.70 -13.23
CA GLY C 223 28.18 -2.13 -12.57
C GLY C 223 28.26 -3.61 -12.20
N LYS C 224 27.22 -4.39 -12.46
CA LYS C 224 27.23 -5.81 -12.10
C LYS C 224 27.85 -6.62 -13.24
N THR C 225 29.17 -6.45 -13.38
CA THR C 225 29.88 -6.96 -14.53
C THR C 225 30.38 -8.39 -14.34
N ASN C 226 30.20 -8.97 -13.15
CA ASN C 226 30.60 -10.34 -12.85
C ASN C 226 29.34 -11.17 -12.63
N VAL C 227 29.26 -12.33 -13.28
CA VAL C 227 28.05 -13.12 -13.33
C VAL C 227 28.35 -14.53 -12.86
N ILE C 228 27.49 -15.06 -11.98
CA ILE C 228 27.40 -16.49 -11.73
C ILE C 228 26.10 -16.94 -12.37
N LEU C 229 26.18 -17.91 -13.28
CA LEU C 229 25.02 -18.45 -13.96
C LEU C 229 24.77 -19.86 -13.46
N LEU C 230 23.53 -20.16 -13.08
CA LEU C 230 23.15 -21.47 -12.61
C LEU C 230 22.08 -22.04 -13.53
N GLY C 231 22.28 -23.27 -14.00
CA GLY C 231 21.30 -23.90 -14.86
C GLY C 231 21.34 -25.41 -14.74
N ASP C 232 20.33 -26.09 -15.34
CA ASP C 232 20.43 -27.56 -15.40
C ASP C 232 20.32 -28.10 -16.81
N SER C 233 20.05 -27.24 -17.80
N SER C 233 20.05 -27.22 -17.79
CA SER C 233 19.99 -27.68 -19.19
CA SER C 233 19.94 -27.59 -19.20
C SER C 233 20.98 -26.90 -20.03
C SER C 233 21.03 -26.91 -20.00
N ILE C 234 21.34 -27.47 -21.17
CA ILE C 234 22.28 -26.78 -22.05
C ILE C 234 21.69 -25.45 -22.51
N GLY C 235 20.39 -25.40 -22.69
CA GLY C 235 19.76 -24.14 -23.13
C GLY C 235 19.92 -23.00 -22.14
N ASP C 236 20.10 -23.33 -20.85
CA ASP C 236 20.22 -22.28 -19.84
C ASP C 236 21.52 -21.51 -19.99
N LEU C 237 22.46 -22.01 -20.80
CA LEU C 237 23.72 -21.31 -20.98
C LEU C 237 23.53 -19.92 -21.58
N THR C 238 22.36 -19.62 -22.17
CA THR C 238 22.15 -18.34 -22.82
C THR C 238 21.51 -17.31 -21.91
N MET C 239 21.25 -17.64 -20.63
CA MET C 239 20.41 -16.71 -19.85
C MET C 239 21.06 -15.35 -19.66
N ALA C 240 22.38 -15.28 -19.62
CA ALA C 240 23.04 -13.99 -19.46
C ALA C 240 23.35 -13.32 -20.80
N ASP C 241 22.84 -13.85 -21.90
CA ASP C 241 23.01 -13.19 -23.17
C ASP C 241 22.19 -11.92 -23.13
N GLY C 242 22.82 -10.82 -23.44
CA GLY C 242 22.17 -9.53 -23.36
C GLY C 242 22.47 -8.74 -22.10
N VAL C 243 23.19 -9.33 -21.15
CA VAL C 243 23.76 -8.54 -20.06
C VAL C 243 24.94 -7.74 -20.60
N PRO C 244 24.86 -6.41 -20.60
CA PRO C 244 25.94 -5.61 -21.19
C PRO C 244 27.19 -5.65 -20.32
N GLY C 245 28.35 -5.63 -20.99
CA GLY C 245 29.61 -5.38 -20.32
C GLY C 245 30.04 -6.43 -19.32
N VAL C 246 29.69 -7.70 -19.54
CA VAL C 246 30.12 -8.77 -18.65
C VAL C 246 31.62 -8.94 -18.77
N GLN C 247 32.32 -8.94 -17.64
CA GLN C 247 33.77 -9.11 -17.62
C GLN C 247 34.21 -10.51 -17.20
N ASN C 248 33.48 -11.13 -16.27
CA ASN C 248 33.76 -12.49 -15.84
C ASN C 248 32.44 -13.20 -15.62
N ILE C 249 32.37 -14.44 -16.08
CA ILE C 249 31.17 -15.25 -15.89
C ILE C 249 31.58 -16.65 -15.50
N LEU C 250 30.92 -17.19 -14.49
CA LEU C 250 31.13 -18.57 -14.05
C LEU C 250 29.83 -19.32 -14.27
N LYS C 251 29.88 -20.36 -15.08
CA LYS C 251 28.69 -21.10 -15.46
C LYS C 251 28.67 -22.42 -14.70
N ILE C 252 27.62 -22.63 -13.92
CA ILE C 252 27.48 -23.81 -13.07
C ILE C 252 26.26 -24.57 -13.51
N GLY C 253 26.45 -25.84 -13.87
CA GLY C 253 25.36 -26.64 -14.42
C GLY C 253 25.08 -27.86 -13.56
N PHE C 254 23.83 -28.01 -13.15
CA PHE C 254 23.39 -29.19 -12.41
C PHE C 254 23.09 -30.29 -13.41
N LEU C 255 23.84 -31.39 -13.34
CA LEU C 255 23.62 -32.54 -14.21
C LEU C 255 22.85 -33.55 -13.36
N ASN C 256 21.53 -33.57 -13.54
CA ASN C 256 20.65 -34.29 -12.60
C ASN C 256 20.39 -35.73 -12.99
N ASP C 257 20.61 -36.08 -14.25
CA ASP C 257 20.21 -37.39 -14.75
C ASP C 257 20.88 -37.58 -16.09
N LYS C 258 20.78 -38.80 -16.60
CA LYS C 258 21.38 -39.14 -17.90
C LYS C 258 22.87 -38.81 -17.93
N VAL C 259 23.58 -39.14 -16.85
CA VAL C 259 24.98 -38.73 -16.76
C VAL C 259 25.83 -39.42 -17.84
N GLU C 260 25.64 -40.72 -18.07
CA GLU C 260 26.51 -41.37 -19.07
C GLU C 260 26.30 -40.72 -20.43
N GLU C 261 25.06 -40.34 -20.74
CA GLU C 261 24.77 -39.77 -22.04
C GLU C 261 25.26 -38.33 -22.16
N ARG C 262 25.12 -37.53 -21.11
CA ARG C 262 25.24 -36.09 -21.22
C ARG C 262 26.48 -35.51 -20.59
N ARG C 263 27.23 -36.30 -19.83
CA ARG C 263 28.29 -35.70 -19.05
C ARG C 263 29.29 -34.96 -19.92
N GLU C 264 29.66 -35.52 -21.07
CA GLU C 264 30.72 -34.90 -21.84
C GLU C 264 30.30 -33.54 -22.35
N ARG C 265 29.09 -33.45 -22.91
CA ARG C 265 28.61 -32.17 -23.38
C ARG C 265 28.48 -31.16 -22.24
N TYR C 266 27.97 -31.62 -21.08
CA TYR C 266 27.84 -30.70 -19.96
C TYR C 266 29.20 -30.18 -19.53
N MET C 267 30.19 -31.09 -19.41
CA MET C 267 31.51 -30.65 -18.94
C MET C 267 32.21 -29.77 -19.97
N ASP C 268 31.85 -29.88 -21.25
CA ASP C 268 32.46 -29.04 -22.25
C ASP C 268 31.77 -27.68 -22.36
N SER C 269 30.58 -27.53 -21.78
CA SER C 269 29.79 -26.31 -21.90
C SER C 269 29.81 -25.49 -20.62
N TYR C 270 29.54 -26.13 -19.49
CA TYR C 270 29.58 -25.48 -18.20
C TYR C 270 30.99 -25.55 -17.62
N ASP C 271 31.34 -24.49 -16.87
CA ASP C 271 32.65 -24.50 -16.21
C ASP C 271 32.68 -25.53 -15.09
N ILE C 272 31.62 -25.57 -14.30
CA ILE C 272 31.46 -26.51 -13.19
C ILE C 272 30.20 -27.32 -13.46
N VAL C 273 30.29 -28.65 -13.36
CA VAL C 273 29.13 -29.52 -13.46
C VAL C 273 28.92 -30.14 -12.09
N LEU C 274 27.70 -30.02 -11.56
CA LEU C 274 27.36 -30.59 -10.26
C LEU C 274 26.58 -31.87 -10.54
N GLU C 275 27.18 -33.01 -10.17
CA GLU C 275 26.63 -34.32 -10.55
C GLU C 275 25.66 -34.81 -9.49
N LYS C 276 24.37 -34.86 -9.86
CA LYS C 276 23.34 -35.39 -8.96
C LYS C 276 23.47 -34.86 -7.55
N ASP C 277 23.48 -33.53 -7.45
CA ASP C 277 23.66 -32.81 -6.20
C ASP C 277 22.36 -32.11 -5.88
N GLU C 278 21.64 -32.60 -4.86
CA GLU C 278 20.36 -31.97 -4.50
C GLU C 278 20.53 -30.80 -3.54
N THR C 279 21.73 -30.27 -3.41
CA THR C 279 22.01 -29.16 -2.52
C THR C 279 22.56 -27.99 -3.30
N LEU C 280 22.50 -26.83 -2.67
CA LEU C 280 23.20 -25.63 -3.12
C LEU C 280 24.53 -25.48 -2.40
N ASP C 281 25.05 -26.54 -1.79
CA ASP C 281 26.24 -26.40 -0.96
C ASP C 281 27.42 -25.85 -1.75
N VAL C 282 27.59 -26.30 -2.98
CA VAL C 282 28.77 -25.84 -3.71
C VAL C 282 28.63 -24.36 -4.05
N VAL C 283 27.44 -23.96 -4.51
CA VAL C 283 27.21 -22.58 -4.87
C VAL C 283 27.34 -21.70 -3.65
N ASN C 284 26.79 -22.16 -2.51
CA ASN C 284 26.92 -21.41 -1.27
C ASN C 284 28.36 -21.29 -0.86
N GLY C 285 29.14 -22.38 -1.01
CA GLY C 285 30.55 -22.31 -0.66
C GLY C 285 31.29 -21.31 -1.52
N LEU C 286 30.96 -21.26 -2.82
CA LEU C 286 31.60 -20.29 -3.71
C LEU C 286 31.22 -18.87 -3.35
N LEU C 287 29.94 -18.64 -3.02
CA LEU C 287 29.55 -17.29 -2.58
C LEU C 287 30.32 -16.90 -1.34
N GLN C 288 30.45 -17.80 -0.38
CA GLN C 288 31.20 -17.47 0.83
C GLN C 288 32.65 -17.18 0.50
N HIS C 289 33.24 -17.94 -0.42
CA HIS C 289 34.61 -17.68 -0.84
C HIS C 289 34.73 -16.31 -1.49
N ILE C 290 33.77 -15.96 -2.34
CA ILE C 290 33.84 -14.71 -3.08
C ILE C 290 33.61 -13.51 -2.17
N LEU C 291 32.77 -13.66 -1.15
CA LEU C 291 32.43 -12.56 -0.26
C LEU C 291 33.28 -12.58 1.02
N CYS C 292 34.54 -13.00 0.91
CA CYS C 292 35.47 -13.05 2.03
C CYS C 292 35.07 -14.10 3.05
N GLU D 6 -38.25 27.99 6.66
CA GLU D 6 -39.03 27.37 5.59
C GLU D 6 -38.19 26.33 4.85
N VAL D 7 -38.77 25.15 4.62
CA VAL D 7 -38.10 24.04 3.93
C VAL D 7 -39.10 23.50 2.91
N SER D 8 -39.00 23.95 1.64
CA SER D 8 -39.94 23.51 0.62
C SER D 8 -39.98 21.97 0.46
N THR D 9 -38.83 21.31 0.63
CA THR D 9 -38.77 19.84 0.52
C THR D 9 -39.83 19.19 1.41
N LEU D 10 -40.06 19.78 2.57
CA LEU D 10 -41.02 19.19 3.51
C LEU D 10 -42.46 19.30 3.05
N MET D 11 -42.75 20.04 2.00
CA MET D 11 -44.14 20.11 1.51
C MET D 11 -44.39 19.22 0.30
N LYS D 12 -43.46 18.36 -0.04
CA LYS D 12 -43.69 17.41 -1.13
C LYS D 12 -44.82 16.43 -0.78
N ALA D 13 -45.43 15.87 -1.83
CA ALA D 13 -46.65 15.07 -1.67
C ALA D 13 -46.48 13.88 -0.71
N THR D 14 -45.30 13.23 -0.70
CA THR D 14 -45.18 12.04 0.13
C THR D 14 -44.89 12.36 1.59
N VAL D 15 -44.69 13.64 1.93
CA VAL D 15 -44.22 14.00 3.26
C VAL D 15 -45.41 14.11 4.19
N LEU D 16 -45.44 13.29 5.24
CA LEU D 16 -46.48 13.48 6.27
C LEU D 16 -45.78 13.85 7.57
N MET D 17 -46.30 14.87 8.26
CA MET D 17 -45.71 15.28 9.53
C MET D 17 -46.80 15.66 10.52
N ARG D 18 -46.73 15.09 11.71
CA ARG D 18 -47.66 15.48 12.77
C ARG D 18 -47.43 16.90 13.21
N GLN D 19 -46.18 17.28 13.39
CA GLN D 19 -45.84 18.57 14.00
C GLN D 19 -44.86 19.29 13.09
N PRO D 20 -45.33 19.90 11.99
CA PRO D 20 -44.38 20.51 11.04
C PRO D 20 -43.50 21.60 11.63
N GLY D 21 -44.01 22.38 12.59
CA GLY D 21 -43.19 23.42 13.21
C GLY D 21 -41.96 22.87 13.92
N ARG D 22 -42.14 21.80 14.69
CA ARG D 22 -40.99 21.17 15.35
CA ARG D 22 -40.99 21.18 15.34
C ARG D 22 -39.98 20.65 14.34
N VAL D 23 -40.46 19.98 13.28
CA VAL D 23 -39.52 19.44 12.28
C VAL D 23 -38.75 20.57 11.62
N GLN D 24 -39.44 21.65 11.31
CA GLN D 24 -38.78 22.81 10.75
C GLN D 24 -37.69 23.32 11.69
N GLU D 25 -37.96 23.30 13.00
CA GLU D 25 -36.93 23.68 13.98
C GLU D 25 -35.76 22.68 13.99
N ILE D 26 -36.04 21.40 13.88
CA ILE D 26 -34.96 20.41 13.86
C ILE D 26 -34.09 20.62 12.64
N VAL D 27 -34.72 20.77 11.46
CA VAL D 27 -33.95 20.98 10.24
C VAL D 27 -33.08 22.24 10.35
N GLY D 28 -33.64 23.31 10.94
CA GLY D 28 -32.88 24.53 11.12
C GLY D 28 -31.67 24.35 12.02
N ALA D 29 -31.82 23.59 13.08
CA ALA D 29 -30.69 23.26 13.95
C ALA D 29 -29.66 22.44 13.19
N LEU D 30 -30.11 21.49 12.37
CA LEU D 30 -29.17 20.72 11.57
C LEU D 30 -28.41 21.64 10.61
N ARG D 31 -29.11 22.59 9.99
CA ARG D 31 -28.41 23.51 9.09
C ARG D 31 -27.40 24.36 9.84
N LYS D 32 -27.80 24.89 11.02
CA LYS D 32 -26.90 25.72 11.80
C LYS D 32 -25.67 24.95 12.27
N GLY D 33 -25.82 23.65 12.53
CA GLY D 33 -24.68 22.87 12.96
C GLY D 33 -23.72 22.57 11.82
N GLY D 34 -24.24 22.51 10.60
CA GLY D 34 -23.42 22.28 9.43
C GLY D 34 -23.04 20.81 9.21
N GLY D 35 -22.45 20.58 8.05
CA GLY D 35 -22.13 19.22 7.68
C GLY D 35 -21.10 18.58 8.59
N ASP D 36 -20.22 19.38 9.17
CA ASP D 36 -19.18 18.84 10.04
C ASP D 36 -19.74 18.16 11.29
N ARG D 37 -20.96 18.51 11.69
CA ARG D 37 -21.52 17.92 12.90
C ARG D 37 -22.46 16.77 12.61
N LEU D 38 -22.64 16.42 11.34
CA LEU D 38 -23.74 15.54 10.94
C LEU D 38 -23.25 14.12 10.69
N GLN D 39 -24.07 13.15 11.06
CA GLN D 39 -23.92 11.77 10.62
C GLN D 39 -25.31 11.23 10.27
N VAL D 40 -25.33 10.26 9.37
CA VAL D 40 -26.57 9.65 8.90
C VAL D 40 -26.53 8.19 9.31
N ILE D 41 -27.60 7.74 9.94
CA ILE D 41 -27.71 6.39 10.48
C ILE D 41 -28.93 5.74 9.81
N SER D 42 -28.73 4.67 9.08
CA SER D 42 -29.79 4.22 8.19
C SER D 42 -29.97 2.72 8.25
N ASP D 43 -31.23 2.28 8.18
CA ASP D 43 -31.52 0.89 7.92
C ASP D 43 -31.23 0.62 6.45
N PHE D 44 -31.03 -0.65 6.10
CA PHE D 44 -30.88 -1.00 4.68
C PHE D 44 -32.18 -1.45 4.00
N ASP D 45 -32.68 -2.65 4.33
CA ASP D 45 -33.78 -3.23 3.55
C ASP D 45 -35.03 -2.36 3.66
N MET D 46 -35.56 -1.97 2.51
CA MET D 46 -36.81 -1.20 2.39
C MET D 46 -36.67 0.20 2.92
N THR D 47 -35.45 0.65 3.26
CA THR D 47 -35.16 2.04 3.54
C THR D 47 -34.26 2.55 2.43
N LEU D 48 -33.02 2.07 2.37
CA LEU D 48 -32.19 2.42 1.20
C LEU D 48 -32.55 1.58 -0.03
N SER D 49 -32.95 0.34 0.16
CA SER D 49 -33.43 -0.47 -0.94
C SER D 49 -34.91 -0.22 -1.15
N ARG D 50 -35.38 -0.46 -2.38
CA ARG D 50 -36.76 -0.18 -2.78
C ARG D 50 -37.75 -1.22 -2.28
N PHE D 51 -38.97 -0.73 -1.99
CA PHE D 51 -40.02 -1.65 -1.58
C PHE D 51 -40.69 -2.31 -2.78
N ALA D 52 -40.96 -1.52 -3.83
CA ALA D 52 -41.65 -2.05 -5.00
C ALA D 52 -41.23 -1.27 -6.23
N TYR D 53 -41.28 -1.96 -7.37
CA TYR D 53 -40.85 -1.39 -8.62
C TYR D 53 -41.61 -2.08 -9.74
N ASN D 54 -42.09 -1.28 -10.68
CA ASN D 54 -42.68 -1.75 -11.91
C ASN D 54 -43.80 -2.75 -11.56
N GLY D 55 -44.52 -2.44 -10.48
CA GLY D 55 -45.70 -3.15 -10.02
C GLY D 55 -45.49 -4.44 -9.24
N LYS D 56 -44.28 -4.72 -8.78
CA LYS D 56 -43.97 -5.94 -8.06
C LYS D 56 -43.13 -5.60 -6.84
N ARG D 57 -43.25 -6.44 -5.82
CA ARG D 57 -42.45 -6.24 -4.62
C ARG D 57 -40.99 -6.55 -4.91
N CYS D 58 -40.08 -5.72 -4.33
CA CYS D 58 -38.64 -5.93 -4.44
C CYS D 58 -38.13 -6.82 -3.30
N PRO D 59 -37.06 -7.55 -3.55
CA PRO D 59 -36.57 -8.52 -2.56
C PRO D 59 -35.87 -7.86 -1.40
N SER D 60 -36.00 -8.48 -0.23
CA SER D 60 -35.09 -8.18 0.87
C SER D 60 -33.72 -8.79 0.59
N SER D 61 -32.72 -8.30 1.30
CA SER D 61 -31.40 -8.93 1.26
C SER D 61 -31.47 -10.44 1.51
N TYR D 62 -32.30 -10.86 2.46
CA TYR D 62 -32.45 -12.28 2.73
C TYR D 62 -32.95 -13.02 1.49
N ASN D 63 -33.97 -12.47 0.85
CA ASN D 63 -34.53 -13.09 -0.35
C ASN D 63 -33.49 -13.18 -1.46
N ILE D 64 -32.67 -12.14 -1.59
CA ILE D 64 -31.71 -12.10 -2.69
C ILE D 64 -30.83 -13.32 -2.64
N LEU D 65 -30.37 -13.64 -1.44
CA LEU D 65 -29.53 -14.83 -1.30
C LEU D 65 -30.38 -16.10 -1.34
N ASP D 66 -31.44 -16.15 -0.56
CA ASP D 66 -32.15 -17.42 -0.39
C ASP D 66 -32.85 -17.88 -1.67
N ASN D 67 -33.29 -16.96 -2.52
CA ASN D 67 -33.95 -17.33 -3.77
C ASN D 67 -32.97 -17.48 -4.93
N SER D 68 -31.68 -17.36 -4.67
CA SER D 68 -30.68 -17.40 -5.74
C SER D 68 -30.36 -18.84 -6.13
N LYS D 69 -29.56 -18.97 -7.18
CA LYS D 69 -29.18 -20.28 -7.71
C LYS D 69 -28.23 -21.04 -6.78
N ILE D 70 -27.63 -20.39 -5.80
CA ILE D 70 -26.64 -21.06 -4.96
C ILE D 70 -27.24 -21.67 -3.72
N ILE D 71 -28.53 -21.49 -3.46
CA ILE D 71 -29.24 -22.10 -2.34
C ILE D 71 -30.20 -23.14 -2.89
N SER D 72 -30.15 -24.37 -2.32
CA SER D 72 -31.01 -25.43 -2.81
C SER D 72 -32.45 -25.21 -2.34
N GLU D 73 -33.38 -25.86 -3.03
CA GLU D 73 -34.77 -25.80 -2.63
C GLU D 73 -34.96 -26.39 -1.23
N GLU D 74 -34.24 -27.47 -0.90
CA GLU D 74 -34.34 -28.02 0.47
C GLU D 74 -33.83 -27.03 1.50
N CYS D 75 -32.78 -26.28 1.15
CA CYS D 75 -32.30 -25.28 2.09
C CYS D 75 -33.28 -24.14 2.23
N ARG D 76 -33.91 -23.72 1.15
CA ARG D 76 -34.96 -22.71 1.28
C ARG D 76 -36.06 -23.21 2.20
N LYS D 77 -36.40 -24.50 2.06
CA LYS D 77 -37.45 -25.07 2.88
C LYS D 77 -37.08 -25.04 4.36
N GLU D 78 -35.81 -25.34 4.69
CA GLU D 78 -35.39 -25.36 6.07
C GLU D 78 -35.31 -23.95 6.65
N LEU D 79 -34.89 -22.98 5.83
CA LEU D 79 -34.88 -21.59 6.27
C LEU D 79 -36.30 -21.14 6.54
N THR D 80 -37.25 -21.60 5.73
CA THR D 80 -38.66 -21.25 5.94
C THR D 80 -39.21 -21.92 7.19
N ALA D 81 -38.76 -23.14 7.48
CA ALA D 81 -39.17 -23.80 8.72
C ALA D 81 -38.64 -23.04 9.94
N LEU D 82 -37.40 -22.56 9.89
CA LEU D 82 -36.87 -21.73 10.98
C LEU D 82 -37.69 -20.47 11.13
N LEU D 83 -37.97 -19.79 10.02
CA LEU D 83 -38.79 -18.58 10.08
C LEU D 83 -40.14 -18.87 10.72
N HIS D 84 -40.78 -19.97 10.31
CA HIS D 84 -42.10 -20.33 10.88
C HIS D 84 -42.03 -20.52 12.39
N HIS D 85 -40.91 -21.08 12.88
CA HIS D 85 -40.85 -21.26 14.34
C HIS D 85 -40.55 -19.94 15.06
N TYR D 86 -39.65 -19.12 14.51
CA TYR D 86 -39.12 -17.99 15.25
C TYR D 86 -39.86 -16.67 15.00
N TYR D 87 -40.50 -16.50 13.84
CA TYR D 87 -41.18 -15.25 13.55
C TYR D 87 -42.24 -14.86 14.57
N PRO D 88 -43.10 -15.78 15.03
CA PRO D 88 -44.08 -15.39 16.07
C PRO D 88 -43.43 -14.87 17.33
N ILE D 89 -42.28 -15.42 17.69
CA ILE D 89 -41.55 -14.95 18.85
C ILE D 89 -41.03 -13.55 18.58
N GLU D 90 -40.46 -13.33 17.39
CA GLU D 90 -39.93 -12.03 17.03
C GLU D 90 -40.98 -10.94 17.17
N ILE D 91 -42.19 -11.17 16.65
CA ILE D 91 -43.14 -10.06 16.53
C ILE D 91 -44.08 -9.92 17.72
N ASP D 92 -44.03 -10.83 18.69
CA ASP D 92 -44.93 -10.73 19.84
C ASP D 92 -44.62 -9.47 20.64
N PRO D 93 -45.55 -8.51 20.76
CA PRO D 93 -45.18 -7.28 21.45
C PRO D 93 -45.12 -7.46 22.96
N HIS D 94 -45.73 -8.49 23.50
CA HIS D 94 -45.73 -8.69 24.94
C HIS D 94 -44.61 -9.59 25.41
N ARG D 95 -43.72 -9.99 24.53
CA ARG D 95 -42.46 -10.61 24.95
C ARG D 95 -41.42 -9.51 24.95
N THR D 96 -40.63 -9.42 26.02
CA THR D 96 -39.70 -8.31 26.09
C THR D 96 -38.50 -8.57 25.17
N VAL D 97 -37.72 -7.52 24.91
CA VAL D 97 -36.50 -7.71 24.11
C VAL D 97 -35.60 -8.76 24.76
N LYS D 98 -35.39 -8.66 26.08
CA LYS D 98 -34.55 -9.66 26.76
C LYS D 98 -35.11 -11.07 26.61
N GLU D 99 -36.44 -11.24 26.66
CA GLU D 99 -37.04 -12.55 26.46
C GLU D 99 -36.89 -13.01 25.01
N LYS D 100 -36.84 -12.08 24.04
CA LYS D 100 -36.66 -12.47 22.66
C LYS D 100 -35.20 -12.78 22.34
N LEU D 101 -34.25 -12.13 23.01
CA LEU D 101 -32.84 -12.20 22.58
C LEU D 101 -32.34 -13.62 22.36
N PRO D 102 -32.45 -14.56 23.31
CA PRO D 102 -31.85 -15.88 23.07
C PRO D 102 -32.48 -16.59 21.87
N HIS D 103 -33.75 -16.33 21.61
CA HIS D 103 -34.41 -16.95 20.45
C HIS D 103 -33.93 -16.32 19.15
N MET D 104 -33.79 -14.99 19.12
CA MET D 104 -33.25 -14.35 17.91
C MET D 104 -31.81 -14.78 17.64
N VAL D 105 -30.99 -14.90 18.70
CA VAL D 105 -29.62 -15.38 18.51
C VAL D 105 -29.64 -16.78 17.92
N GLU D 106 -30.51 -17.66 18.44
CA GLU D 106 -30.64 -19.02 17.91
C GLU D 106 -31.05 -18.98 16.44
N TRP D 107 -32.07 -18.18 16.12
CA TRP D 107 -32.60 -18.14 14.76
C TRP D 107 -31.51 -17.70 13.79
N TRP D 108 -30.85 -16.60 14.08
CA TRP D 108 -29.84 -16.10 13.16
C TRP D 108 -28.68 -17.08 13.07
N THR D 109 -28.27 -17.66 14.20
CA THR D 109 -27.13 -18.58 14.15
C THR D 109 -27.50 -19.81 13.33
N LYS D 110 -28.69 -20.36 13.54
CA LYS D 110 -29.11 -21.53 12.78
C LYS D 110 -29.23 -21.24 11.31
N ALA D 111 -29.83 -20.10 10.94
CA ALA D 111 -29.90 -19.75 9.53
C ALA D 111 -28.49 -19.62 8.95
N HIS D 112 -27.62 -18.92 9.66
CA HIS D 112 -26.24 -18.80 9.17
C HIS D 112 -25.58 -20.16 9.01
N ASN D 113 -25.82 -21.09 9.95
CA ASN D 113 -25.24 -22.42 9.81
C ASN D 113 -25.78 -23.14 8.57
N LEU D 114 -27.06 -22.95 8.26
CA LEU D 114 -27.60 -23.56 7.05
C LEU D 114 -26.88 -23.01 5.82
N LEU D 115 -26.63 -21.69 5.79
CA LEU D 115 -25.92 -21.09 4.66
C LEU D 115 -24.53 -21.68 4.49
N CYS D 116 -23.86 -21.93 5.61
CA CYS D 116 -22.49 -22.47 5.56
C CYS D 116 -22.46 -23.86 4.96
N GLN D 117 -23.56 -24.58 4.97
CA GLN D 117 -23.58 -25.97 4.50
C GLN D 117 -24.05 -26.07 3.06
N GLN D 118 -24.22 -24.93 2.40
CA GLN D 118 -24.60 -24.91 0.99
C GLN D 118 -23.40 -24.83 0.05
N LYS D 119 -22.17 -24.87 0.56
CA LYS D 119 -20.99 -24.83 -0.32
C LYS D 119 -20.95 -23.54 -1.16
N ILE D 120 -21.19 -22.43 -0.47
CA ILE D 120 -21.19 -21.11 -1.09
C ILE D 120 -19.75 -20.64 -1.22
N GLN D 121 -19.38 -20.15 -2.41
CA GLN D 121 -18.07 -19.59 -2.62
C GLN D 121 -18.14 -18.07 -2.71
N LYS D 122 -17.05 -17.45 -2.25
CA LYS D 122 -16.97 -15.99 -2.18
C LYS D 122 -17.33 -15.31 -3.51
N PHE D 123 -16.82 -15.83 -4.64
CA PHE D 123 -17.10 -15.16 -5.91
C PHE D 123 -18.58 -15.21 -6.28
N GLN D 124 -19.33 -16.14 -5.69
CA GLN D 124 -20.73 -16.28 -6.05
C GLN D 124 -21.58 -15.16 -5.48
N ILE D 125 -21.13 -14.45 -4.45
CA ILE D 125 -21.98 -13.41 -3.87
C ILE D 125 -22.22 -12.30 -4.87
N ALA D 126 -21.14 -11.85 -5.53
CA ALA D 126 -21.33 -10.84 -6.56
C ALA D 126 -22.26 -11.35 -7.64
N GLN D 127 -22.12 -12.62 -8.03
CA GLN D 127 -22.95 -13.18 -9.11
C GLN D 127 -24.41 -13.18 -8.69
N VAL D 128 -24.69 -13.62 -7.46
CA VAL D 128 -26.06 -13.62 -6.98
C VAL D 128 -26.65 -12.22 -7.00
N VAL D 129 -25.86 -11.21 -6.60
CA VAL D 129 -26.40 -9.85 -6.61
C VAL D 129 -26.66 -9.38 -8.02
N ARG D 130 -25.75 -9.71 -8.95
CA ARG D 130 -25.93 -9.30 -10.34
C ARG D 130 -27.18 -9.91 -10.94
N GLU D 131 -27.50 -11.16 -10.59
CA GLU D 131 -28.65 -11.84 -11.17
C GLU D 131 -29.94 -11.56 -10.44
N SER D 132 -29.88 -10.87 -9.30
CA SER D 132 -31.08 -10.70 -8.49
C SER D 132 -31.87 -9.51 -8.97
N ASN D 133 -33.00 -9.29 -8.30
CA ASN D 133 -33.84 -8.11 -8.54
C ASN D 133 -33.54 -6.99 -7.54
N ALA D 134 -32.33 -6.94 -6.97
CA ALA D 134 -31.97 -5.89 -6.03
C ALA D 134 -32.10 -4.51 -6.67
N MET D 135 -32.64 -3.56 -5.91
CA MET D 135 -32.80 -2.19 -6.39
C MET D 135 -32.66 -1.24 -5.21
N LEU D 136 -31.91 -0.16 -5.40
CA LEU D 136 -31.89 0.93 -4.44
C LEU D 136 -32.97 1.94 -4.79
N ARG D 137 -33.39 2.74 -3.79
CA ARG D 137 -34.37 3.79 -4.07
C ARG D 137 -33.87 4.75 -5.16
N GLU D 138 -34.81 5.27 -5.95
CA GLU D 138 -34.45 6.26 -6.96
C GLU D 138 -33.83 7.47 -6.28
N GLY D 139 -32.78 8.02 -6.90
CA GLY D 139 -32.04 9.10 -6.26
C GLY D 139 -30.88 8.62 -5.40
N TYR D 140 -30.58 7.32 -5.43
CA TYR D 140 -29.50 6.81 -4.59
C TYR D 140 -28.15 7.43 -4.98
N LYS D 141 -27.94 7.74 -6.26
CA LYS D 141 -26.65 8.31 -6.65
C LYS D 141 -26.44 9.66 -5.96
N THR D 142 -27.45 10.53 -6.02
CA THR D 142 -27.35 11.82 -5.33
C THR D 142 -27.15 11.63 -3.84
N PHE D 143 -27.79 10.61 -3.27
CA PHE D 143 -27.71 10.40 -1.83
C PHE D 143 -26.29 10.02 -1.44
N PHE D 144 -25.76 8.96 -2.04
CA PHE D 144 -24.44 8.46 -1.64
C PHE D 144 -23.34 9.46 -2.02
N ASN D 145 -23.48 10.11 -3.18
CA ASN D 145 -22.46 11.06 -3.61
C ASN D 145 -22.46 12.31 -2.75
N THR D 146 -23.64 12.83 -2.37
CA THR D 146 -23.66 14.02 -1.54
C THR D 146 -23.01 13.74 -0.19
N LEU D 147 -23.33 12.61 0.43
CA LEU D 147 -22.70 12.29 1.71
C LEU D 147 -21.19 12.15 1.54
N TYR D 148 -20.76 11.47 0.48
CA TYR D 148 -19.33 11.30 0.30
C TYR D 148 -18.63 12.63 0.07
N HIS D 149 -19.18 13.46 -0.82
CA HIS D 149 -18.52 14.71 -1.19
C HIS D 149 -18.45 15.69 -0.03
N ASN D 150 -19.33 15.54 0.96
CA ASN D 150 -19.34 16.41 2.12
C ASN D 150 -18.76 15.77 3.37
N ASN D 151 -18.11 14.60 3.23
CA ASN D 151 -17.46 13.92 4.35
C ASN D 151 -18.45 13.67 5.49
N ILE D 152 -19.66 13.23 5.15
CA ILE D 152 -20.67 12.88 6.14
C ILE D 152 -20.63 11.37 6.31
N PRO D 153 -20.31 10.86 7.50
CA PRO D 153 -20.36 9.41 7.74
C PRO D 153 -21.78 8.88 7.56
N LEU D 154 -21.90 7.72 6.91
CA LEU D 154 -23.16 7.00 6.72
C LEU D 154 -23.00 5.63 7.34
N PHE D 155 -23.73 5.35 8.42
CA PHE D 155 -23.73 4.02 9.04
C PHE D 155 -25.00 3.33 8.57
N ILE D 156 -24.84 2.17 7.92
CA ILE D 156 -25.93 1.34 7.43
C ILE D 156 -26.06 0.12 8.32
N PHE D 157 -27.20 -0.03 9.00
CA PHE D 157 -27.44 -1.19 9.83
C PHE D 157 -28.31 -2.20 9.10
N SER D 158 -27.93 -3.48 9.20
CA SER D 158 -28.76 -4.52 8.63
C SER D 158 -28.49 -5.79 9.38
N ALA D 159 -29.56 -6.49 9.77
CA ALA D 159 -29.40 -7.82 10.34
C ALA D 159 -29.23 -8.90 9.28
N GLY D 160 -29.18 -8.49 8.00
CA GLY D 160 -28.91 -9.42 6.92
C GLY D 160 -27.44 -9.68 6.76
N ILE D 161 -27.03 -9.91 5.52
CA ILE D 161 -25.67 -10.32 5.20
C ILE D 161 -24.93 -9.13 4.60
N GLY D 162 -23.85 -8.73 5.26
CA GLY D 162 -23.11 -7.57 4.85
C GLY D 162 -22.60 -7.67 3.43
N ASP D 163 -22.13 -8.86 3.05
CA ASP D 163 -21.53 -9.00 1.72
C ASP D 163 -22.55 -8.73 0.64
N ILE D 164 -23.83 -9.06 0.89
CA ILE D 164 -24.89 -8.78 -0.06
C ILE D 164 -25.14 -7.28 -0.16
N LEU D 165 -25.32 -6.64 1.00
CA LEU D 165 -25.50 -5.19 1.02
CA LEU D 165 -25.49 -5.20 1.04
C LEU D 165 -24.39 -4.49 0.28
N GLU D 166 -23.14 -4.83 0.61
CA GLU D 166 -22.00 -4.16 0.01
C GLU D 166 -21.95 -4.38 -1.50
N GLU D 167 -22.26 -5.60 -1.96
CA GLU D 167 -22.23 -5.83 -3.41
C GLU D 167 -23.32 -5.04 -4.13
N ILE D 168 -24.49 -4.88 -3.52
CA ILE D 168 -25.53 -4.07 -4.14
C ILE D 168 -25.02 -2.65 -4.37
N ILE D 169 -24.45 -2.05 -3.32
CA ILE D 169 -24.01 -0.68 -3.44
C ILE D 169 -22.82 -0.57 -4.37
N ARG D 170 -21.88 -1.52 -4.25
CA ARG D 170 -20.74 -1.52 -5.17
C ARG D 170 -21.18 -1.64 -6.62
N GLN D 171 -22.10 -2.57 -6.91
CA GLN D 171 -22.51 -2.77 -8.30
C GLN D 171 -23.28 -1.59 -8.85
N MET D 172 -23.90 -0.80 -7.98
CA MET D 172 -24.51 0.45 -8.42
C MET D 172 -23.53 1.61 -8.50
N LYS D 173 -22.25 1.33 -8.21
CA LYS D 173 -21.15 2.25 -8.43
C LYS D 173 -21.19 3.46 -7.49
N VAL D 174 -21.68 3.27 -6.27
CA VAL D 174 -21.83 4.35 -5.31
C VAL D 174 -21.26 3.99 -3.94
N PHE D 175 -20.39 3.00 -3.87
CA PHE D 175 -19.76 2.64 -2.61
C PHE D 175 -18.55 3.54 -2.37
N HIS D 176 -18.67 4.39 -1.37
CA HIS D 176 -17.59 5.29 -1.00
C HIS D 176 -17.11 4.99 0.40
N PRO D 177 -15.90 5.42 0.76
CA PRO D 177 -15.34 5.10 2.08
C PRO D 177 -16.00 5.80 3.24
N ASN D 178 -16.96 6.71 3.01
CA ASN D 178 -17.70 7.25 4.15
C ASN D 178 -18.80 6.30 4.61
N ILE D 179 -18.97 5.17 3.91
CA ILE D 179 -20.02 4.20 4.25
C ILE D 179 -19.47 3.18 5.23
N HIS D 180 -20.22 2.97 6.32
CA HIS D 180 -19.82 2.01 7.35
C HIS D 180 -20.98 1.07 7.60
N ILE D 181 -20.83 -0.17 7.19
CA ILE D 181 -21.90 -1.15 7.24
C ILE D 181 -21.78 -1.95 8.52
N VAL D 182 -22.85 -1.96 9.30
CA VAL D 182 -22.96 -2.76 10.52
C VAL D 182 -23.90 -3.92 10.21
N SER D 183 -23.33 -5.10 9.96
CA SER D 183 -24.15 -6.23 9.52
C SER D 183 -23.34 -7.51 9.72
N ASN D 184 -23.82 -8.59 9.16
CA ASN D 184 -23.15 -9.90 9.35
C ASN D 184 -22.34 -10.22 8.11
N TYR D 185 -21.02 -10.17 8.23
CA TYR D 185 -20.16 -10.50 7.11
C TYR D 185 -19.71 -11.96 7.11
N MET D 186 -19.71 -12.55 5.91
CA MET D 186 -19.27 -13.93 5.74
C MET D 186 -17.79 -14.11 6.01
N ASP D 187 -17.44 -15.29 6.54
CA ASP D 187 -16.05 -15.67 6.76
C ASP D 187 -15.76 -16.84 5.85
N PHE D 188 -14.75 -16.72 5.00
CA PHE D 188 -14.46 -17.73 4.00
C PHE D 188 -13.16 -18.46 4.34
N ASN D 189 -13.11 -19.74 4.03
CA ASN D 189 -11.91 -20.53 4.30
C ASN D 189 -10.85 -20.28 3.22
N GLU D 190 -9.74 -21.01 3.33
CA GLU D 190 -8.62 -20.81 2.43
C GLU D 190 -8.97 -21.15 0.98
N ASP D 191 -9.99 -21.98 0.78
CA ASP D 191 -10.48 -22.33 -0.55
C ASP D 191 -11.56 -21.39 -1.05
N GLY D 192 -11.94 -20.40 -0.27
CA GLY D 192 -12.97 -19.50 -0.71
C GLY D 192 -14.37 -19.93 -0.35
N PHE D 193 -14.54 -20.95 0.48
CA PHE D 193 -15.88 -21.43 0.81
C PHE D 193 -16.34 -20.82 2.13
N LEU D 194 -17.62 -20.48 2.16
CA LEU D 194 -18.19 -19.94 3.37
C LEU D 194 -18.09 -20.93 4.52
N GLN D 195 -17.56 -20.47 5.66
CA GLN D 195 -17.40 -21.34 6.81
C GLN D 195 -17.99 -20.76 8.10
N GLY D 196 -18.42 -19.51 8.11
CA GLY D 196 -18.91 -18.91 9.33
C GLY D 196 -19.18 -17.45 9.04
N PHE D 197 -19.47 -16.70 10.11
CA PHE D 197 -19.69 -15.26 10.03
C PHE D 197 -18.75 -14.56 10.98
N LYS D 198 -18.36 -13.36 10.60
CA LYS D 198 -17.32 -12.62 11.30
C LYS D 198 -17.90 -11.81 12.44
N GLY D 199 -17.13 -11.69 13.51
CA GLY D 199 -17.44 -10.71 14.52
C GLY D 199 -18.77 -10.94 15.22
N GLN D 200 -19.41 -9.83 15.59
CA GLN D 200 -20.60 -9.89 16.42
C GLN D 200 -21.82 -10.20 15.58
N LEU D 201 -22.70 -11.08 16.08
CA LEU D 201 -23.97 -11.33 15.41
C LEU D 201 -24.87 -10.09 15.49
N ILE D 202 -25.39 -9.67 14.36
CA ILE D 202 -26.37 -8.58 14.31
C ILE D 202 -27.69 -9.21 13.96
N HIS D 203 -28.62 -9.21 14.90
CA HIS D 203 -29.99 -9.60 14.59
C HIS D 203 -30.90 -8.37 14.74
N THR D 204 -32.19 -8.58 14.53
CA THR D 204 -33.06 -7.42 14.42
C THR D 204 -33.27 -6.72 15.74
N TYR D 205 -32.88 -7.37 16.84
CA TYR D 205 -33.04 -6.75 18.15
C TYR D 205 -31.74 -6.20 18.74
N ASN D 206 -30.65 -6.14 17.97
CA ASN D 206 -29.49 -5.40 18.42
C ASN D 206 -28.89 -4.57 17.30
N LYS D 207 -29.74 -4.06 16.42
CA LYS D 207 -29.28 -3.19 15.33
C LYS D 207 -29.21 -1.77 15.89
N ASN D 208 -28.14 -1.49 16.60
CA ASN D 208 -27.99 -0.16 17.13
C ASN D 208 -26.52 0.13 17.33
N SER D 209 -26.22 1.36 17.70
CA SER D 209 -24.83 1.78 17.75
C SER D 209 -24.05 1.15 18.90
N SER D 210 -24.72 0.42 19.80
CA SER D 210 -24.00 -0.38 20.79
C SER D 210 -23.34 -1.60 20.17
N ALA D 211 -23.84 -2.09 19.04
CA ALA D 211 -23.19 -3.16 18.29
C ALA D 211 -21.85 -2.68 17.75
N GLU D 222 -17.39 11.39 16.61
CA GLU D 222 -16.33 12.31 17.01
C GLU D 222 -16.76 13.73 16.66
N GLY D 223 -17.63 14.30 17.49
CA GLY D 223 -18.23 15.59 17.19
C GLY D 223 -19.43 15.52 16.29
N LYS D 224 -19.84 14.32 15.88
CA LYS D 224 -20.98 14.13 15.00
C LYS D 224 -22.23 14.02 15.85
N THR D 225 -22.59 15.15 16.46
CA THR D 225 -23.66 15.20 17.44
C THR D 225 -25.04 15.50 16.84
N ASN D 226 -25.13 15.69 15.53
CA ASN D 226 -26.43 15.85 14.87
C ASN D 226 -26.67 14.63 13.99
N VAL D 227 -27.85 14.01 14.08
CA VAL D 227 -28.12 12.71 13.44
C VAL D 227 -29.36 12.83 12.56
N ILE D 228 -29.30 12.28 11.36
CA ILE D 228 -30.48 11.97 10.57
C ILE D 228 -30.59 10.46 10.56
N LEU D 229 -31.73 9.96 10.99
CA LEU D 229 -32.00 8.54 11.05
C LEU D 229 -33.04 8.18 10.01
N LEU D 230 -32.77 7.15 9.23
CA LEU D 230 -33.67 6.68 8.19
C LEU D 230 -34.07 5.25 8.50
N GLY D 231 -35.37 4.97 8.49
CA GLY D 231 -35.81 3.60 8.76
C GLY D 231 -37.12 3.35 8.07
N ASP D 232 -37.56 2.10 8.05
CA ASP D 232 -38.89 1.79 7.54
C ASP D 232 -39.74 1.02 8.54
N SER D 233 -39.15 0.59 9.67
CA SER D 233 -39.87 -0.13 10.71
CA SER D 233 -39.90 -0.12 10.70
C SER D 233 -39.85 0.68 12.00
N ILE D 234 -40.78 0.37 12.91
CA ILE D 234 -40.75 1.05 14.19
C ILE D 234 -39.49 0.67 14.95
N GLY D 235 -39.04 -0.56 14.81
CA GLY D 235 -37.83 -0.98 15.53
C GLY D 235 -36.57 -0.19 15.14
N ASP D 236 -36.56 0.37 13.91
CA ASP D 236 -35.39 1.13 13.44
C ASP D 236 -35.18 2.41 14.23
N LEU D 237 -36.19 2.83 15.03
CA LEU D 237 -36.06 4.05 15.80
C LEU D 237 -34.92 3.97 16.80
N THR D 238 -34.43 2.76 17.13
CA THR D 238 -33.39 2.63 18.13
C THR D 238 -31.98 2.65 17.55
N MET D 239 -31.82 2.84 16.24
CA MET D 239 -30.48 2.62 15.66
C MET D 239 -29.43 3.58 16.18
N ALA D 240 -29.83 4.80 16.58
CA ALA D 240 -28.88 5.76 17.11
C ALA D 240 -28.75 5.66 18.63
N ASP D 241 -29.34 4.65 19.25
CA ASP D 241 -29.16 4.43 20.66
C ASP D 241 -27.71 4.02 20.88
N GLY D 242 -27.05 4.70 21.78
CA GLY D 242 -25.64 4.46 22.03
C GLY D 242 -24.70 5.42 21.31
N VAL D 243 -25.21 6.29 20.44
CA VAL D 243 -24.40 7.40 19.95
C VAL D 243 -24.25 8.43 21.06
N PRO D 244 -23.04 8.72 21.52
CA PRO D 244 -22.87 9.64 22.66
C PRO D 244 -23.12 11.09 22.27
N GLY D 245 -23.71 11.84 23.21
CA GLY D 245 -23.75 13.29 23.11
C GLY D 245 -24.55 13.81 21.92
N VAL D 246 -25.61 13.11 21.52
CA VAL D 246 -26.43 13.55 20.40
C VAL D 246 -27.14 14.83 20.79
N GLN D 247 -27.03 15.86 19.95
CA GLN D 247 -27.81 17.02 20.35
C GLN D 247 -29.07 17.27 19.55
N ASN D 248 -29.08 16.89 18.28
CA ASN D 248 -30.27 17.02 17.47
C ASN D 248 -30.38 15.77 16.64
N ILE D 249 -31.60 15.25 16.54
CA ILE D 249 -31.84 14.06 15.73
C ILE D 249 -33.12 14.28 14.95
N LEU D 250 -33.08 13.96 13.67
CA LEU D 250 -34.26 13.98 12.81
C LEU D 250 -34.53 12.57 12.36
N LYS D 251 -35.71 12.05 12.67
CA LYS D 251 -36.07 10.67 12.37
C LYS D 251 -37.03 10.65 11.19
N ILE D 252 -36.62 9.97 10.11
CA ILE D 252 -37.40 9.88 8.89
C ILE D 252 -37.78 8.42 8.66
N GLY D 253 -39.09 8.14 8.58
CA GLY D 253 -39.58 6.80 8.40
C GLY D 253 -40.31 6.60 7.10
N PHE D 254 -39.87 5.62 6.30
CA PHE D 254 -40.58 5.23 5.10
C PHE D 254 -41.73 4.31 5.49
N LEU D 255 -42.95 4.74 5.20
CA LEU D 255 -44.15 3.95 5.46
C LEU D 255 -44.53 3.39 4.10
N ASN D 256 -44.14 2.12 3.86
CA ASN D 256 -44.19 1.55 2.52
C ASN D 256 -45.50 0.83 2.23
N ASP D 257 -46.24 0.42 3.27
N ASP D 257 -46.25 0.47 3.26
CA ASP D 257 -47.39 -0.44 3.09
CA ASP D 257 -47.43 -0.34 3.06
C ASP D 257 -48.16 -0.44 4.40
C ASP D 257 -48.22 -0.30 4.36
N LYS D 258 -49.39 -0.92 4.34
CA LYS D 258 -50.25 -0.98 5.53
C LYS D 258 -50.49 0.42 6.13
N VAL D 259 -50.76 1.38 5.27
CA VAL D 259 -50.85 2.75 5.74
C VAL D 259 -52.07 2.94 6.65
N GLU D 260 -53.23 2.40 6.28
CA GLU D 260 -54.40 2.60 7.16
C GLU D 260 -54.11 2.05 8.56
N GLU D 261 -53.42 0.92 8.62
CA GLU D 261 -53.15 0.27 9.91
C GLU D 261 -52.06 0.98 10.70
N ARG D 262 -51.01 1.43 10.04
CA ARG D 262 -49.79 1.88 10.69
C ARG D 262 -49.57 3.37 10.73
N ARG D 263 -50.35 4.17 9.98
CA ARG D 263 -49.93 5.55 9.81
C ARG D 263 -49.88 6.27 11.15
N GLU D 264 -50.84 6.00 12.03
CA GLU D 264 -50.88 6.81 13.24
C GLU D 264 -49.64 6.56 14.09
N ARG D 265 -49.29 5.29 14.26
CA ARG D 265 -48.12 4.97 15.06
C ARG D 265 -46.87 5.53 14.43
N TYR D 266 -46.75 5.42 13.09
CA TYR D 266 -45.57 5.97 12.41
C TYR D 266 -45.47 7.47 12.61
N MET D 267 -46.61 8.19 12.45
CA MET D 267 -46.55 9.63 12.57
C MET D 267 -46.30 10.09 14.00
N ASP D 268 -46.63 9.24 14.97
CA ASP D 268 -46.36 9.62 16.34
C ASP D 268 -44.94 9.29 16.76
N SER D 269 -44.24 8.47 16.00
CA SER D 269 -42.90 7.99 16.37
C SER D 269 -41.83 8.68 15.54
N TYR D 270 -42.03 8.75 14.23
CA TYR D 270 -41.09 9.41 13.33
C TYR D 270 -41.47 10.88 13.20
N ASP D 271 -40.44 11.71 13.04
CA ASP D 271 -40.70 13.14 12.83
C ASP D 271 -41.30 13.37 11.45
N ILE D 272 -40.73 12.72 10.43
CA ILE D 272 -41.19 12.79 9.05
C ILE D 272 -41.56 11.37 8.63
N VAL D 273 -42.76 11.19 8.06
CA VAL D 273 -43.16 9.91 7.49
C VAL D 273 -43.27 10.10 5.99
N LEU D 274 -42.61 9.22 5.24
CA LEU D 274 -42.61 9.28 3.79
C LEU D 274 -43.54 8.17 3.31
N GLU D 275 -44.66 8.57 2.72
CA GLU D 275 -45.73 7.64 2.38
C GLU D 275 -45.51 7.08 0.98
N LYS D 276 -45.21 5.77 0.92
CA LYS D 276 -45.07 5.05 -0.34
C LYS D 276 -44.24 5.83 -1.35
N ASP D 277 -43.04 6.19 -0.91
CA ASP D 277 -42.13 7.01 -1.70
C ASP D 277 -40.95 6.14 -2.07
N GLU D 278 -40.84 5.78 -3.36
CA GLU D 278 -39.75 4.89 -3.75
C GLU D 278 -38.48 5.64 -4.11
N THR D 279 -38.38 6.90 -3.70
CA THR D 279 -37.23 7.76 -3.97
C THR D 279 -36.62 8.25 -2.66
N LEU D 280 -35.35 8.71 -2.79
CA LEU D 280 -34.63 9.45 -1.74
C LEU D 280 -34.76 10.97 -1.92
N ASP D 281 -35.74 11.40 -2.71
CA ASP D 281 -35.83 12.82 -3.07
C ASP D 281 -35.97 13.69 -1.82
N VAL D 282 -36.76 13.25 -0.83
CA VAL D 282 -36.97 14.10 0.33
C VAL D 282 -35.70 14.20 1.15
N VAL D 283 -35.08 13.05 1.39
CA VAL D 283 -33.84 13.05 2.15
C VAL D 283 -32.79 13.87 1.41
N ASN D 284 -32.69 13.69 0.09
CA ASN D 284 -31.74 14.43 -0.70
C ASN D 284 -32.00 15.93 -0.62
N GLY D 285 -33.27 16.32 -0.64
CA GLY D 285 -33.59 17.73 -0.52
C GLY D 285 -33.20 18.28 0.84
N LEU D 286 -33.42 17.48 1.89
CA LEU D 286 -33.04 17.95 3.22
C LEU D 286 -31.52 18.07 3.36
N LEU D 287 -30.76 17.11 2.80
CA LEU D 287 -29.31 17.21 2.80
C LEU D 287 -28.86 18.48 2.09
N GLN D 288 -29.42 18.74 0.91
CA GLN D 288 -29.05 19.94 0.19
C GLN D 288 -29.40 21.19 0.98
N HIS D 289 -30.59 21.21 1.58
CA HIS D 289 -30.96 22.37 2.39
C HIS D 289 -29.98 22.54 3.55
N ILE D 290 -29.56 21.44 4.16
CA ILE D 290 -28.71 21.49 5.35
C ILE D 290 -27.29 21.91 5.02
N LEU D 291 -26.75 21.47 3.87
CA LEU D 291 -25.35 21.72 3.56
C LEU D 291 -25.13 22.87 2.60
N CYS D 292 -26.20 23.48 2.10
CA CYS D 292 -26.11 24.62 1.22
C CYS D 292 -25.36 25.77 1.87
#